data_1I12
#
_entry.id   1I12
#
_cell.length_a   156.559
_cell.length_b   51.842
_cell.length_c   92.232
_cell.angle_alpha   90.000
_cell.angle_beta   107.81
_cell.angle_gamma   90.000
#
_symmetry.space_group_name_H-M   'C 1 2 1'
#
loop_
_entity.id
_entity.type
_entity.pdbx_description
1 polymer 'GLUCOSAMINE-PHOSPHATE N-ACETYLTRANSFERASE'
2 non-polymer 'ACETYL COENZYME *A'
3 non-polymer IMIDAZOLE
4 water water
#
_entity_poly.entity_id   1
_entity_poly.type   'polypeptide(L)'
_entity_poly.pdbx_seq_one_letter_code
;SMSLPDGFYIRRMEEGDLEQVTETLKVLTTVGTITPESFCKLIKYWNEATVWNDNEDKKIMQYNPMVIVDKRTETVAATG
NIIIERKIIHELGLCGHIEDIAVNSKYQGQGLGKLLIDQLVTIGFDYGCYKIILDCDEKNVKFYEKCGFSNAGVEMQIRK
;
_entity_poly.pdbx_strand_id   A,B,C,D
#
loop_
_chem_comp.id
_chem_comp.type
_chem_comp.name
_chem_comp.formula
ACO non-polymer 'ACETYL COENZYME *A' 'C23 H38 N7 O17 P3 S'
IMD non-polymer IMIDAZOLE 'C3 H5 N2 1'
#
# COMPACT_ATOMS: atom_id res chain seq x y z
N LEU A 4 -17.87 3.45 16.94
CA LEU A 4 -16.99 2.48 16.24
C LEU A 4 -17.67 1.12 16.07
N PRO A 5 -17.14 0.29 15.16
CA PRO A 5 -17.66 -1.04 14.89
C PRO A 5 -17.40 -1.95 16.06
N ASP A 6 -17.94 -3.16 15.96
CA ASP A 6 -17.79 -4.12 17.03
C ASP A 6 -16.38 -4.60 17.21
N GLY A 7 -15.98 -4.56 18.47
CA GLY A 7 -14.68 -5.04 18.79
C GLY A 7 -13.55 -4.02 18.77
N PHE A 8 -13.84 -2.73 18.49
CA PHE A 8 -12.78 -1.72 18.46
C PHE A 8 -13.15 -0.50 19.30
N TYR A 9 -12.15 0.26 19.76
CA TYR A 9 -12.46 1.50 20.41
C TYR A 9 -11.34 2.50 20.03
N ILE A 10 -11.57 3.76 20.33
CA ILE A 10 -10.55 4.79 20.08
C ILE A 10 -10.22 5.54 21.38
N ARG A 11 -8.97 5.90 21.58
CA ARG A 11 -8.55 6.63 22.77
C ARG A 11 -7.27 7.40 22.49
N ARG A 12 -6.89 8.31 23.35
CA ARG A 12 -5.65 8.99 23.23
C ARG A 12 -4.52 8.00 23.41
N MET A 13 -3.40 8.23 22.72
CA MET A 13 -2.22 7.41 22.83
C MET A 13 -1.65 7.53 24.26
N GLU A 14 -1.01 6.47 24.71
CA GLU A 14 -0.43 6.40 26.07
C GLU A 14 1.01 5.88 25.99
N GLU A 15 1.76 6.05 27.09
CA GLU A 15 3.17 5.64 27.06
C GLU A 15 3.38 4.19 26.75
N GLY A 16 2.46 3.34 27.15
CA GLY A 16 2.66 1.93 26.90
C GLY A 16 2.45 1.49 25.45
N ASP A 17 1.98 2.43 24.63
CA ASP A 17 1.73 2.14 23.24
C ASP A 17 2.94 2.12 22.32
N LEU A 18 4.12 2.40 22.88
CA LEU A 18 5.28 2.49 22.00
C LEU A 18 5.51 1.36 21.02
N GLU A 19 5.51 0.12 21.52
CA GLU A 19 5.82 -0.99 20.67
C GLU A 19 4.81 -1.17 19.53
N GLN A 20 3.52 -1.09 19.87
CA GLN A 20 2.51 -1.31 18.87
C GLN A 20 2.37 -0.12 17.92
N VAL A 21 2.53 1.09 18.42
CA VAL A 21 2.47 2.27 17.52
C VAL A 21 3.68 2.24 16.54
N THR A 22 4.85 1.76 17.00
CA THR A 22 6.01 1.65 16.09
C THR A 22 5.66 0.70 14.94
N GLU A 23 5.03 -0.42 15.26
CA GLU A 23 4.66 -1.38 14.26
C GLU A 23 3.62 -0.81 13.29
N THR A 24 2.62 -0.11 13.79
CA THR A 24 1.59 0.47 12.95
C THR A 24 2.19 1.52 11.99
N LEU A 25 3.00 2.42 12.52
CA LEU A 25 3.56 3.50 11.67
C LEU A 25 4.51 3.01 10.58
N LYS A 26 5.00 1.78 10.66
CA LYS A 26 5.91 1.31 9.61
C LYS A 26 5.27 1.23 8.25
N VAL A 27 3.93 1.20 8.14
CA VAL A 27 3.30 1.15 6.80
C VAL A 27 3.37 2.52 6.16
N LEU A 28 3.72 3.53 6.95
CA LEU A 28 3.80 4.88 6.46
C LEU A 28 5.24 5.27 6.16
N THR A 29 6.16 5.04 7.08
CA THR A 29 7.54 5.45 6.86
C THR A 29 8.46 4.82 7.93
N THR A 30 9.72 5.19 7.92
CA THR A 30 10.68 4.64 8.88
C THR A 30 10.47 5.27 10.27
N VAL A 31 10.28 4.40 11.28
CA VAL A 31 10.14 4.87 12.65
C VAL A 31 11.49 4.78 13.38
N GLY A 32 12.17 3.65 13.18
CA GLY A 32 13.44 3.45 13.87
C GLY A 32 13.21 3.03 15.32
N THR A 33 14.26 3.17 16.11
CA THR A 33 14.23 2.78 17.53
C THR A 33 14.04 3.98 18.40
N ILE A 34 13.14 3.83 19.38
CA ILE A 34 12.80 4.87 20.35
C ILE A 34 12.86 4.25 21.77
N THR A 35 13.53 4.93 22.68
CA THR A 35 13.60 4.37 24.03
C THR A 35 12.31 4.63 24.81
N PRO A 36 11.96 3.72 25.72
CA PRO A 36 10.76 3.94 26.53
C PRO A 36 10.85 5.25 27.34
N GLU A 37 12.01 5.59 27.86
CA GLU A 37 12.14 6.79 28.65
C GLU A 37 11.79 8.00 27.81
N SER A 38 12.32 8.06 26.58
CA SER A 38 12.04 9.19 25.71
C SER A 38 10.59 9.24 25.28
N PHE A 39 9.98 8.09 25.03
CA PHE A 39 8.59 8.10 24.63
C PHE A 39 7.72 8.58 25.81
N CYS A 40 8.03 8.18 27.03
CA CYS A 40 7.24 8.62 28.18
C CYS A 40 7.31 10.14 28.27
N LYS A 41 8.49 10.72 28.01
CA LYS A 41 8.65 12.18 28.02
C LYS A 41 7.90 12.83 26.87
N LEU A 42 7.83 12.18 25.73
CA LEU A 42 7.10 12.77 24.62
C LEU A 42 5.58 12.76 24.94
N ILE A 43 5.07 11.69 25.48
CA ILE A 43 3.65 11.61 25.79
C ILE A 43 3.33 12.65 26.87
N LYS A 44 4.25 12.89 27.82
CA LYS A 44 4.03 13.92 28.86
C LYS A 44 3.93 15.28 28.18
N TYR A 45 4.80 15.56 27.21
CA TYR A 45 4.79 16.82 26.46
C TYR A 45 3.45 16.95 25.72
N TRP A 46 3.03 15.88 25.06
CA TRP A 46 1.78 15.92 24.33
C TRP A 46 0.57 16.02 25.26
N ASN A 47 0.69 15.60 26.52
CA ASN A 47 -0.45 15.69 27.42
C ASN A 47 -0.51 17.01 28.19
N GLU A 48 0.49 17.86 28.00
CA GLU A 48 0.53 19.13 28.72
C GLU A 48 0.49 20.35 27.83
N ALA A 49 0.99 20.26 26.59
CA ALA A 49 1.05 21.40 25.69
C ALA A 49 -0.35 21.84 25.30
N THR A 50 -0.71 23.06 25.67
CA THR A 50 -2.02 23.62 25.32
C THR A 50 -1.85 24.82 24.42
N VAL A 51 -2.91 25.13 23.67
CA VAL A 51 -2.89 26.26 22.73
C VAL A 51 -3.56 27.49 23.35
N TRP A 52 -2.94 28.66 23.22
CA TRP A 52 -3.58 29.86 23.77
C TRP A 52 -4.95 30.15 23.15
N ASN A 53 -5.90 30.60 24.00
CA ASN A 53 -7.26 30.95 23.54
C ASN A 53 -7.94 31.88 24.55
N ASP A 57 -12.25 29.76 29.94
CA ASP A 57 -11.19 28.97 29.30
C ASP A 57 -11.68 27.83 28.40
N LYS A 58 -10.89 27.59 27.35
CA LYS A 58 -11.18 26.51 26.44
C LYS A 58 -9.85 25.75 26.56
N LYS A 59 -9.87 24.49 26.94
CA LYS A 59 -8.61 23.74 27.09
C LYS A 59 -8.36 23.02 25.79
N ILE A 60 -7.45 23.58 25.00
CA ILE A 60 -7.16 23.04 23.70
C ILE A 60 -5.80 22.38 23.73
N MET A 61 -5.73 21.07 23.50
CA MET A 61 -4.43 20.40 23.43
C MET A 61 -3.80 20.63 22.04
N GLN A 62 -2.53 21.01 22.00
CA GLN A 62 -1.83 21.19 20.74
C GLN A 62 -1.74 19.88 19.97
N TYR A 63 -1.44 18.79 20.69
CA TYR A 63 -1.31 17.47 20.07
C TYR A 63 -2.45 16.58 20.52
N ASN A 64 -2.99 15.79 19.60
CA ASN A 64 -4.12 14.89 19.87
C ASN A 64 -3.87 13.55 19.21
N PRO A 65 -2.88 12.82 19.72
CA PRO A 65 -2.53 11.51 19.16
C PRO A 65 -3.52 10.47 19.56
N MET A 66 -4.11 9.79 18.60
CA MET A 66 -5.14 8.79 18.86
C MET A 66 -4.74 7.43 18.35
N VAL A 67 -5.26 6.41 18.99
CA VAL A 67 -5.12 5.04 18.49
C VAL A 67 -6.48 4.36 18.48
N ILE A 68 -6.70 3.55 17.46
CA ILE A 68 -7.86 2.64 17.36
C ILE A 68 -7.30 1.29 17.77
N VAL A 69 -7.99 0.66 18.75
CA VAL A 69 -7.55 -0.59 19.36
C VAL A 69 -8.54 -1.72 19.17
N ASP A 70 -8.01 -2.85 18.74
CA ASP A 70 -8.78 -4.11 18.57
C ASP A 70 -8.88 -4.72 20.01
N LYS A 71 -10.10 -4.75 20.52
CA LYS A 71 -10.36 -5.27 21.88
C LYS A 71 -10.05 -6.75 22.07
N ARG A 72 -10.02 -7.53 21.02
CA ARG A 72 -9.75 -8.95 21.18
C ARG A 72 -8.45 -9.22 21.93
N THR A 73 -7.40 -8.48 21.56
CA THR A 73 -6.09 -8.60 22.13
C THR A 73 -5.49 -7.30 22.66
N GLU A 74 -6.30 -6.23 22.65
CA GLU A 74 -5.83 -4.88 22.99
C GLU A 74 -4.57 -4.54 22.14
N THR A 75 -4.75 -4.67 20.83
CA THR A 75 -3.69 -4.38 19.84
C THR A 75 -4.05 -3.09 19.08
N VAL A 76 -3.10 -2.17 19.02
CA VAL A 76 -3.30 -0.95 18.21
C VAL A 76 -3.43 -1.35 16.73
N ALA A 77 -4.54 -0.93 16.14
CA ALA A 77 -4.85 -1.24 14.72
C ALA A 77 -4.64 -0.03 13.83
N ALA A 78 -4.63 1.16 14.40
CA ALA A 78 -4.45 2.36 13.55
C ALA A 78 -4.09 3.48 14.46
N THR A 79 -3.41 4.48 13.91
CA THR A 79 -3.04 5.68 14.68
C THR A 79 -3.09 6.91 13.81
N GLY A 80 -3.34 8.04 14.42
CA GLY A 80 -3.31 9.30 13.66
C GLY A 80 -3.26 10.45 14.63
N ASN A 81 -2.92 11.65 14.20
CA ASN A 81 -2.81 12.77 15.13
C ASN A 81 -3.42 14.00 14.45
N ILE A 82 -3.91 14.94 15.26
CA ILE A 82 -4.32 16.23 14.70
C ILE A 82 -3.64 17.25 15.62
N ILE A 83 -2.88 18.14 15.00
CA ILE A 83 -2.13 19.19 15.69
C ILE A 83 -2.83 20.51 15.45
N ILE A 84 -3.00 21.27 16.52
CA ILE A 84 -3.74 22.53 16.45
C ILE A 84 -2.80 23.72 16.46
N GLU A 85 -2.94 24.58 15.44
CA GLU A 85 -2.09 25.77 15.23
C GLU A 85 -2.89 27.06 15.36
N ARG A 86 -2.37 28.01 16.15
CA ARG A 86 -3.02 29.33 16.26
C ARG A 86 -2.32 30.26 15.25
N LYS A 87 -3.13 30.92 14.41
CA LYS A 87 -2.64 31.85 13.41
C LYS A 87 -3.10 33.26 13.73
N ILE A 88 -2.65 34.19 12.90
CA ILE A 88 -3.13 35.59 12.98
C ILE A 88 -4.31 35.74 12.01
N ILE A 89 -4.17 35.19 10.79
CA ILE A 89 -5.22 35.28 9.78
C ILE A 89 -6.54 34.68 10.28
N HIS A 90 -7.64 35.06 9.65
CA HIS A 90 -8.96 34.57 10.06
C HIS A 90 -9.30 34.90 11.52
N GLU A 91 -9.05 36.16 11.91
CA GLU A 91 -9.33 36.64 13.27
C GLU A 91 -8.70 35.77 14.34
N LEU A 92 -7.37 35.59 14.25
CA LEU A 92 -6.59 34.75 15.15
C LEU A 92 -7.21 33.35 15.10
N GLY A 93 -7.35 32.83 13.90
CA GLY A 93 -7.94 31.53 13.70
C GLY A 93 -7.12 30.34 14.09
N LEU A 94 -7.82 29.21 14.20
CA LEU A 94 -7.20 27.93 14.52
C LEU A 94 -7.26 27.04 13.28
N CYS A 95 -6.13 26.43 12.98
CA CYS A 95 -6.03 25.51 11.85
C CYS A 95 -5.63 24.14 12.37
N GLY A 96 -6.34 23.10 11.92
CA GLY A 96 -5.99 21.75 12.34
C GLY A 96 -5.13 21.09 11.27
N HIS A 97 -4.13 20.31 11.69
CA HIS A 97 -3.22 19.63 10.76
C HIS A 97 -3.25 18.16 11.08
N ILE A 98 -3.85 17.35 10.22
CA ILE A 98 -3.87 15.90 10.45
C ILE A 98 -2.55 15.32 9.96
N GLU A 99 -1.95 14.46 10.76
CA GLU A 99 -0.62 13.93 10.45
C GLU A 99 -0.50 12.48 10.88
N ASP A 100 0.43 11.80 10.24
CA ASP A 100 0.89 10.48 10.66
C ASP A 100 -0.20 9.47 10.81
N ILE A 101 -0.94 9.31 9.72
CA ILE A 101 -2.05 8.40 9.64
C ILE A 101 -1.59 7.04 9.14
N ALA A 102 -1.89 5.97 9.88
CA ALA A 102 -1.44 4.65 9.48
C ALA A 102 -2.38 3.58 10.03
N VAL A 103 -2.77 2.64 9.21
CA VAL A 103 -3.59 1.49 9.63
C VAL A 103 -2.72 0.26 9.36
N ASN A 104 -2.55 -0.63 10.33
CA ASN A 104 -1.72 -1.85 10.11
C ASN A 104 -2.24 -2.59 8.88
N SER A 105 -1.33 -3.20 8.08
CA SER A 105 -1.75 -3.91 6.87
C SER A 105 -2.90 -4.87 7.09
N LYS A 106 -2.86 -5.66 8.16
CA LYS A 106 -3.89 -6.64 8.39
C LYS A 106 -5.27 -6.08 8.75
N TYR A 107 -5.31 -4.80 9.11
CA TYR A 107 -6.53 -4.14 9.46
C TYR A 107 -7.00 -3.16 8.38
N GLN A 108 -6.27 -3.04 7.26
CA GLN A 108 -6.70 -2.09 6.22
C GLN A 108 -7.95 -2.53 5.47
N GLY A 109 -8.64 -1.56 4.89
CA GLY A 109 -9.80 -1.86 4.09
C GLY A 109 -11.01 -2.39 4.80
N GLN A 110 -11.11 -2.06 6.09
CA GLN A 110 -12.26 -2.47 6.93
C GLN A 110 -12.97 -1.24 7.49
N GLY A 111 -12.64 -0.03 7.03
CA GLY A 111 -13.29 1.18 7.51
C GLY A 111 -12.62 1.86 8.67
N LEU A 112 -11.51 1.30 9.17
CA LEU A 112 -10.89 1.94 10.33
C LEU A 112 -10.20 3.27 9.98
N GLY A 113 -9.57 3.38 8.81
CA GLY A 113 -8.95 4.66 8.42
C GLY A 113 -9.99 5.75 8.37
N LYS A 114 -11.15 5.51 7.75
CA LYS A 114 -12.18 6.55 7.69
C LYS A 114 -12.69 6.89 9.10
N LEU A 115 -12.88 5.87 9.96
CA LEU A 115 -13.33 6.15 11.33
C LEU A 115 -12.32 7.03 12.06
N LEU A 116 -11.04 6.75 11.93
CA LEU A 116 -10.01 7.54 12.55
C LEU A 116 -10.04 8.98 12.06
N ILE A 117 -10.09 9.17 10.74
CA ILE A 117 -10.11 10.53 10.19
C ILE A 117 -11.34 11.27 10.68
N ASP A 118 -12.51 10.61 10.66
CA ASP A 118 -13.73 11.26 11.15
C ASP A 118 -13.56 11.73 12.60
N GLN A 119 -12.93 10.91 13.43
CA GLN A 119 -12.74 11.29 14.82
C GLN A 119 -11.78 12.48 14.95
N LEU A 120 -10.71 12.47 14.16
CA LEU A 120 -9.76 13.60 14.21
C LEU A 120 -10.42 14.91 13.73
N VAL A 121 -11.23 14.81 12.68
CA VAL A 121 -11.94 15.97 12.15
C VAL A 121 -12.88 16.50 13.24
N THR A 122 -13.58 15.61 13.96
CA THR A 122 -14.47 16.08 15.02
C THR A 122 -13.68 16.80 16.13
N ILE A 123 -12.54 16.26 16.49
CA ILE A 123 -11.74 16.93 17.54
C ILE A 123 -11.33 18.33 17.09
N GLY A 124 -10.89 18.47 15.83
CA GLY A 124 -10.47 19.77 15.33
C GLY A 124 -11.62 20.77 15.24
N PHE A 125 -12.73 20.37 14.65
CA PHE A 125 -13.84 21.33 14.54
C PHE A 125 -14.46 21.62 15.92
N ASP A 126 -14.46 20.67 16.85
CA ASP A 126 -14.98 20.95 18.19
C ASP A 126 -14.11 21.99 18.86
N TYR A 127 -12.83 22.07 18.52
CA TYR A 127 -11.95 23.08 19.11
C TYR A 127 -12.13 24.44 18.45
N GLY A 128 -12.85 24.49 17.33
CA GLY A 128 -13.07 25.76 16.66
C GLY A 128 -12.20 26.01 15.42
N CYS A 129 -11.53 25.00 14.89
CA CYS A 129 -10.72 25.21 13.68
C CYS A 129 -11.59 25.67 12.53
N TYR A 130 -11.05 26.59 11.75
CA TYR A 130 -11.83 27.03 10.58
C TYR A 130 -11.62 26.09 9.38
N LYS A 131 -10.53 25.33 9.37
CA LYS A 131 -10.28 24.34 8.34
C LYS A 131 -9.35 23.30 8.99
N ILE A 132 -9.31 22.12 8.35
CA ILE A 132 -8.40 21.06 8.76
C ILE A 132 -7.75 20.65 7.45
N ILE A 133 -6.44 20.54 7.50
CA ILE A 133 -5.66 20.20 6.28
C ILE A 133 -4.72 19.06 6.55
N LEU A 134 -4.29 18.41 5.47
CA LEU A 134 -3.28 17.36 5.57
C LEU A 134 -2.56 17.24 4.24
N ASP A 135 -1.40 16.64 4.26
CA ASP A 135 -0.70 16.36 3.00
C ASP A 135 -0.68 14.86 2.80
N CYS A 136 -0.77 14.41 1.57
CA CYS A 136 -0.71 12.99 1.31
C CYS A 136 -0.13 12.72 -0.07
N ASP A 137 0.35 11.50 -0.28
CA ASP A 137 0.79 11.12 -1.60
C ASP A 137 -0.43 10.92 -2.50
N GLU A 138 -0.24 11.05 -3.83
CA GLU A 138 -1.32 10.90 -4.77
C GLU A 138 -2.14 9.61 -4.54
N LYS A 139 -1.47 8.54 -4.13
CA LYS A 139 -2.13 7.28 -3.94
C LYS A 139 -3.28 7.34 -2.92
N ASN A 140 -3.20 8.29 -1.98
CA ASN A 140 -4.23 8.40 -0.90
C ASN A 140 -5.38 9.31 -1.20
N VAL A 141 -5.31 10.03 -2.34
CA VAL A 141 -6.33 11.04 -2.61
C VAL A 141 -7.78 10.53 -2.59
N LYS A 142 -8.04 9.41 -3.24
CA LYS A 142 -9.42 8.91 -3.27
C LYS A 142 -9.93 8.49 -1.88
N PHE A 143 -9.06 7.94 -1.03
CA PHE A 143 -9.44 7.64 0.36
C PHE A 143 -9.84 8.94 1.06
N TYR A 144 -9.04 10.00 0.94
CA TYR A 144 -9.38 11.23 1.63
C TYR A 144 -10.65 11.86 1.06
N GLU A 145 -10.90 11.69 -0.25
CA GLU A 145 -12.17 12.20 -0.82
C GLU A 145 -13.33 11.43 -0.20
N LYS A 146 -13.17 10.11 0.01
CA LYS A 146 -14.24 9.33 0.70
C LYS A 146 -14.44 9.81 2.15
N CYS A 147 -13.45 10.46 2.75
CA CYS A 147 -13.57 11.03 4.09
C CYS A 147 -14.04 12.47 4.06
N GLY A 148 -14.42 12.98 2.88
CA GLY A 148 -14.95 14.33 2.80
C GLY A 148 -13.97 15.45 2.49
N PHE A 149 -12.72 15.09 2.24
CA PHE A 149 -11.70 16.12 1.93
C PHE A 149 -11.67 16.44 0.43
N SER A 150 -11.13 17.60 0.09
CA SER A 150 -10.97 17.97 -1.33
C SER A 150 -9.59 18.53 -1.55
N ASN A 151 -9.15 18.49 -2.80
CA ASN A 151 -7.84 18.98 -3.18
C ASN A 151 -7.72 20.47 -2.83
N ALA A 152 -6.63 20.89 -2.20
CA ALA A 152 -6.44 22.25 -1.78
C ALA A 152 -5.15 22.88 -2.28
N GLY A 153 -4.23 22.07 -2.76
CA GLY A 153 -2.95 22.61 -3.19
C GLY A 153 -1.93 21.51 -3.33
N VAL A 154 -0.68 21.95 -3.37
CA VAL A 154 0.47 21.08 -3.56
C VAL A 154 1.42 21.12 -2.34
N GLU A 155 1.85 19.94 -1.87
CA GLU A 155 2.82 19.88 -0.79
C GLU A 155 4.24 19.97 -1.40
N MET A 156 5.07 20.86 -0.84
CA MET A 156 6.47 21.01 -1.29
C MET A 156 7.35 20.73 -0.11
N GLN A 157 8.55 20.22 -0.37
CA GLN A 157 9.47 19.91 0.73
C GLN A 157 10.93 20.18 0.41
N ILE A 158 11.72 20.37 1.45
CA ILE A 158 13.18 20.51 1.32
C ILE A 158 13.75 19.68 2.47
N ARG A 159 14.80 18.92 2.16
CA ARG A 159 15.45 18.01 3.11
C ARG A 159 16.81 18.55 3.51
N LYS A 160 17.21 18.27 4.75
CA LYS A 160 18.50 18.78 5.22
C LYS A 160 19.67 18.10 4.51
N SER B 3 -6.86 1.82 -22.90
CA SER B 3 -5.44 2.12 -23.21
C SER B 3 -4.76 2.83 -22.02
N LEU B 4 -3.43 2.71 -21.97
CA LEU B 4 -2.68 3.33 -20.88
C LEU B 4 -2.55 4.83 -21.00
N PRO B 5 -2.29 5.51 -19.90
CA PRO B 5 -2.14 6.97 -20.00
C PRO B 5 -0.90 7.28 -20.90
N ASP B 6 -0.96 8.43 -21.56
CA ASP B 6 0.20 8.86 -22.41
C ASP B 6 1.46 8.85 -21.56
N GLY B 7 2.55 8.32 -22.11
CA GLY B 7 3.82 8.25 -21.41
C GLY B 7 4.10 6.88 -20.82
N PHE B 8 3.07 6.03 -20.73
CA PHE B 8 3.24 4.68 -20.12
C PHE B 8 2.98 3.61 -21.15
N TYR B 9 3.77 2.55 -21.14
CA TYR B 9 3.51 1.46 -22.04
C TYR B 9 3.70 0.12 -21.28
N ILE B 10 3.15 -0.95 -21.85
CA ILE B 10 3.31 -2.27 -21.23
C ILE B 10 4.08 -3.18 -22.16
N ARG B 11 4.94 -4.04 -21.63
CA ARG B 11 5.67 -4.98 -22.45
C ARG B 11 6.06 -6.18 -21.59
N ARG B 12 6.46 -7.27 -22.23
CA ARG B 12 6.94 -8.45 -21.54
C ARG B 12 8.20 -8.07 -20.76
N MET B 13 8.37 -8.65 -19.57
CA MET B 13 9.51 -8.43 -18.73
C MET B 13 10.77 -8.95 -19.45
N GLU B 14 11.91 -8.29 -19.23
CA GLU B 14 13.20 -8.59 -19.84
C GLU B 14 14.27 -8.80 -18.77
N GLU B 15 15.41 -9.42 -19.17
CA GLU B 15 16.50 -9.70 -18.27
C GLU B 15 17.01 -8.42 -17.60
N GLY B 16 17.02 -7.35 -18.38
CA GLY B 16 17.49 -6.07 -17.88
C GLY B 16 16.63 -5.44 -16.80
N ASP B 17 15.40 -5.97 -16.62
CA ASP B 17 14.49 -5.44 -15.61
C ASP B 17 14.74 -5.93 -14.19
N LEU B 18 15.79 -6.74 -13.95
CA LEU B 18 15.99 -7.28 -12.61
C LEU B 18 15.94 -6.29 -11.45
N GLU B 19 16.75 -5.24 -11.51
CA GLU B 19 16.81 -4.32 -10.39
C GLU B 19 15.47 -3.65 -10.09
N GLN B 20 14.85 -3.12 -11.14
CA GLN B 20 13.58 -2.44 -10.97
C GLN B 20 12.43 -3.34 -10.57
N VAL B 21 12.39 -4.54 -11.15
CA VAL B 21 11.30 -5.47 -10.81
C VAL B 21 11.47 -5.94 -9.37
N THR B 22 12.73 -6.14 -8.94
CA THR B 22 12.99 -6.54 -7.57
C THR B 22 12.46 -5.50 -6.60
N GLU B 23 12.74 -4.23 -6.88
CA GLU B 23 12.27 -3.18 -5.99
C GLU B 23 10.74 -3.06 -5.99
N THR B 24 10.14 -3.27 -7.15
CA THR B 24 8.69 -3.15 -7.28
C THR B 24 8.00 -4.26 -6.50
N LEU B 25 8.51 -5.49 -6.61
CA LEU B 25 7.87 -6.58 -5.90
C LEU B 25 7.94 -6.46 -4.39
N LYS B 26 8.88 -5.67 -3.88
CA LYS B 26 8.97 -5.52 -2.41
C LYS B 26 7.71 -4.85 -1.82
N VAL B 27 6.88 -4.21 -2.64
CA VAL B 27 5.67 -3.62 -2.11
C VAL B 27 4.63 -4.74 -1.82
N LEU B 28 4.89 -5.91 -2.37
CA LEU B 28 4.03 -7.03 -2.18
C LEU B 28 4.56 -8.00 -1.12
N THR B 29 5.82 -8.41 -1.27
CA THR B 29 6.39 -9.39 -0.34
C THR B 29 7.92 -9.46 -0.40
N THR B 30 8.49 -10.40 0.35
CA THR B 30 9.94 -10.55 0.37
C THR B 30 10.46 -11.18 -0.92
N VAL B 31 11.51 -10.57 -1.49
CA VAL B 31 12.14 -11.04 -2.72
C VAL B 31 13.46 -11.78 -2.40
N GLY B 32 14.27 -11.18 -1.54
CA GLY B 32 15.52 -11.82 -1.18
C GLY B 32 16.63 -11.52 -2.13
N THR B 33 17.69 -12.33 -2.10
CA THR B 33 18.86 -12.14 -2.94
C THR B 33 18.76 -12.92 -4.23
N ILE B 34 18.84 -12.21 -5.34
CA ILE B 34 18.77 -12.82 -6.67
C ILE B 34 19.92 -12.30 -7.54
N THR B 35 20.72 -13.21 -8.06
CA THR B 35 21.84 -12.83 -8.90
C THR B 35 21.41 -12.61 -10.35
N PRO B 36 22.14 -11.78 -11.09
CA PRO B 36 21.84 -11.50 -12.50
C PRO B 36 21.85 -12.80 -13.29
N GLU B 37 22.76 -13.71 -12.95
CA GLU B 37 22.83 -14.99 -13.62
C GLU B 37 21.55 -15.82 -13.47
N SER B 38 21.07 -15.91 -12.23
CA SER B 38 19.86 -16.67 -11.92
C SER B 38 18.65 -16.06 -12.61
N PHE B 39 18.57 -14.73 -12.65
CA PHE B 39 17.43 -14.05 -13.30
C PHE B 39 17.45 -14.27 -14.81
N CYS B 40 18.64 -14.27 -15.40
CA CYS B 40 18.71 -14.53 -16.81
C CYS B 40 18.14 -15.92 -17.12
N LYS B 41 18.43 -16.90 -16.26
CA LYS B 41 17.95 -18.27 -16.46
C LYS B 41 16.43 -18.37 -16.29
N LEU B 42 15.92 -17.63 -15.31
CA LEU B 42 14.48 -17.60 -15.06
C LEU B 42 13.75 -17.01 -16.28
N ILE B 43 14.27 -15.93 -16.87
CA ILE B 43 13.64 -15.29 -18.01
C ILE B 43 13.68 -16.21 -19.23
N LYS B 44 14.77 -16.98 -19.36
CA LYS B 44 14.86 -17.92 -20.46
C LYS B 44 13.78 -19.01 -20.32
N TYR B 45 13.55 -19.50 -19.10
CA TYR B 45 12.52 -20.50 -18.85
C TYR B 45 11.14 -19.88 -19.16
N TRP B 46 10.90 -18.67 -18.63
CA TRP B 46 9.62 -18.00 -18.90
C TRP B 46 9.40 -17.72 -20.41
N ASN B 47 10.48 -17.57 -21.16
CA ASN B 47 10.35 -17.29 -22.57
C ASN B 47 10.31 -18.50 -23.48
N GLU B 48 10.44 -19.69 -22.91
CA GLU B 48 10.41 -20.90 -23.72
C GLU B 48 9.24 -21.85 -23.40
N ALA B 49 8.75 -21.83 -22.16
CA ALA B 49 7.66 -22.72 -21.78
C ALA B 49 6.37 -22.36 -22.54
N THR B 50 5.85 -23.32 -23.30
CA THR B 50 4.62 -23.13 -24.05
C THR B 50 3.60 -24.17 -23.63
N VAL B 51 2.34 -23.81 -23.79
CA VAL B 51 1.24 -24.69 -23.48
C VAL B 51 0.78 -25.32 -24.80
N TRP B 52 0.70 -26.64 -24.82
CA TRP B 52 0.24 -27.37 -26.01
C TRP B 52 -1.09 -26.81 -26.52
N ASN B 53 -1.17 -26.61 -27.84
CA ASN B 53 -2.39 -26.11 -28.48
C ASN B 53 -2.39 -26.31 -30.00
N LYS B 58 -2.13 -20.53 -32.71
CA LYS B 58 -1.40 -19.48 -32.02
C LYS B 58 -0.51 -20.06 -30.94
N LYS B 59 0.65 -19.44 -30.70
CA LYS B 59 1.57 -19.91 -29.67
C LYS B 59 1.15 -19.40 -28.29
N ILE B 60 1.02 -20.32 -27.33
CA ILE B 60 0.58 -19.92 -25.98
C ILE B 60 1.75 -19.99 -24.98
N MET B 61 2.19 -18.86 -24.42
CA MET B 61 3.24 -18.90 -23.41
C MET B 61 2.64 -19.24 -22.04
N GLN B 62 3.24 -20.17 -21.33
CA GLN B 62 2.75 -20.52 -19.99
C GLN B 62 2.88 -19.29 -19.06
N TYR B 63 3.99 -18.56 -19.16
CA TYR B 63 4.22 -17.37 -18.36
C TYR B 63 4.12 -16.14 -19.20
N ASN B 64 3.52 -15.08 -18.63
CA ASN B 64 3.30 -13.82 -19.38
C ASN B 64 3.57 -12.70 -18.40
N PRO B 65 4.84 -12.52 -18.04
CA PRO B 65 5.26 -11.49 -17.07
C PRO B 65 5.27 -10.15 -17.75
N MET B 66 4.58 -9.19 -17.17
CA MET B 66 4.48 -7.86 -17.80
C MET B 66 5.01 -6.79 -16.87
N VAL B 67 5.53 -5.74 -17.47
CA VAL B 67 5.87 -4.53 -16.72
C VAL B 67 5.22 -3.33 -17.42
N ILE B 68 4.74 -2.41 -16.63
CA ILE B 68 4.29 -1.11 -17.17
C ILE B 68 5.47 -0.16 -16.87
N VAL B 69 5.91 0.56 -17.92
CA VAL B 69 7.08 1.44 -17.86
C VAL B 69 6.68 2.89 -18.08
N ASP B 70 7.17 3.75 -17.18
CA ASP B 70 7.04 5.23 -17.30
C ASP B 70 8.22 5.61 -18.20
N LYS B 71 7.94 5.83 -19.48
CA LYS B 71 9.03 6.10 -20.45
C LYS B 71 9.92 7.29 -20.13
N ARG B 72 9.36 8.33 -19.52
CA ARG B 72 10.09 9.59 -19.22
C ARG B 72 11.34 9.30 -18.46
N THR B 73 11.28 8.39 -17.49
CA THR B 73 12.48 8.04 -16.73
C THR B 73 12.84 6.58 -16.79
N GLU B 74 12.24 5.85 -17.73
CA GLU B 74 12.48 4.42 -17.90
C GLU B 74 12.32 3.67 -16.57
N THR B 75 11.27 4.00 -15.85
CA THR B 75 11.00 3.41 -14.54
C THR B 75 9.88 2.38 -14.64
N VAL B 76 10.10 1.19 -14.08
CA VAL B 76 9.02 0.19 -14.00
C VAL B 76 8.04 0.71 -12.94
N ALA B 77 6.79 0.99 -13.35
CA ALA B 77 5.76 1.50 -12.45
C ALA B 77 4.96 0.36 -11.83
N ALA B 78 4.87 -0.76 -12.54
CA ALA B 78 4.05 -1.89 -12.02
C ALA B 78 4.45 -3.15 -12.71
N THR B 79 4.17 -4.29 -12.09
CA THR B 79 4.43 -5.56 -12.73
C THR B 79 3.31 -6.55 -12.34
N GLY B 80 3.07 -7.49 -13.22
CA GLY B 80 2.11 -8.54 -12.92
C GLY B 80 2.33 -9.70 -13.87
N ASN B 81 1.74 -10.87 -13.61
CA ASN B 81 1.96 -12.02 -14.45
C ASN B 81 0.63 -12.80 -14.58
N ILE B 82 0.49 -13.52 -15.68
CA ILE B 82 -0.65 -14.44 -15.80
C ILE B 82 -0.04 -15.75 -16.30
N ILE B 83 -0.32 -16.83 -15.57
CA ILE B 83 0.18 -18.17 -15.84
C ILE B 83 -0.96 -18.98 -16.43
N ILE B 84 -0.69 -19.65 -17.55
CA ILE B 84 -1.71 -20.41 -18.27
C ILE B 84 -1.58 -21.91 -17.98
N GLU B 85 -2.70 -22.52 -17.61
CA GLU B 85 -2.80 -23.95 -17.26
C GLU B 85 -3.79 -24.67 -18.18
N ARG B 86 -3.40 -25.81 -18.74
CA ARG B 86 -4.36 -26.61 -19.55
C ARG B 86 -4.95 -27.70 -18.61
N LYS B 87 -6.29 -27.80 -18.62
CA LYS B 87 -7.02 -28.76 -17.77
C LYS B 87 -7.70 -29.82 -18.63
N ILE B 88 -8.40 -30.73 -17.97
CA ILE B 88 -9.25 -31.72 -18.64
C ILE B 88 -10.69 -31.15 -18.71
N ILE B 89 -11.17 -30.58 -17.59
CA ILE B 89 -12.52 -30.03 -17.53
C ILE B 89 -12.71 -28.94 -18.59
N HIS B 90 -13.97 -28.68 -18.93
CA HIS B 90 -14.30 -27.69 -19.95
C HIS B 90 -13.65 -28.01 -21.31
N GLU B 91 -13.71 -29.29 -21.71
CA GLU B 91 -13.18 -29.79 -22.98
C GLU B 91 -11.74 -29.39 -23.19
N LEU B 92 -10.90 -29.88 -22.29
CA LEU B 92 -9.48 -29.57 -22.27
C LEU B 92 -9.30 -28.05 -22.21
N GLY B 93 -9.99 -27.43 -21.26
CA GLY B 93 -9.94 -25.98 -21.15
C GLY B 93 -8.67 -25.35 -20.60
N LEU B 94 -8.57 -24.06 -20.86
CA LEU B 94 -7.44 -23.25 -20.38
C LEU B 94 -7.89 -22.36 -19.25
N CYS B 95 -7.10 -22.34 -18.16
CA CYS B 95 -7.40 -21.50 -17.01
C CYS B 95 -6.21 -20.55 -16.83
N GLY B 96 -6.50 -19.28 -16.64
CA GLY B 96 -5.40 -18.31 -16.39
C GLY B 96 -5.35 -18.01 -14.90
N HIS B 97 -4.15 -17.84 -14.38
CA HIS B 97 -3.89 -17.56 -12.96
C HIS B 97 -3.10 -16.26 -12.90
N ILE B 98 -3.73 -15.20 -12.44
CA ILE B 98 -3.02 -13.92 -12.31
C ILE B 98 -2.26 -13.93 -10.99
N GLU B 99 -0.99 -13.51 -11.02
CA GLU B 99 -0.12 -13.57 -9.84
C GLU B 99 0.80 -12.38 -9.76
N ASP B 100 1.24 -12.10 -8.54
CA ASP B 100 2.33 -11.18 -8.25
C ASP B 100 2.16 -9.79 -8.83
N ILE B 101 1.05 -9.21 -8.44
CA ILE B 101 0.66 -7.87 -8.85
C ILE B 101 1.20 -6.83 -7.88
N ALA B 102 1.95 -5.86 -8.42
CA ALA B 102 2.51 -4.83 -7.58
C ALA B 102 2.66 -3.54 -8.36
N VAL B 103 2.18 -2.46 -7.78
CA VAL B 103 2.35 -1.14 -8.36
C VAL B 103 3.19 -0.35 -7.33
N ASN B 104 4.27 0.28 -7.81
CA ASN B 104 5.09 1.08 -6.89
C ASN B 104 4.27 2.16 -6.24
N SER B 105 4.55 2.44 -4.95
CA SER B 105 3.79 3.41 -4.18
C SER B 105 3.58 4.73 -4.91
N LYS B 106 4.66 5.26 -5.48
CA LYS B 106 4.58 6.53 -6.19
C LYS B 106 3.71 6.56 -7.42
N TYR B 107 3.36 5.37 -7.93
CA TYR B 107 2.50 5.24 -9.10
C TYR B 107 1.10 4.70 -8.76
N GLN B 108 0.82 4.43 -7.48
CA GLN B 108 -0.51 3.91 -7.09
C GLN B 108 -1.54 5.01 -7.19
N GLY B 109 -2.79 4.63 -7.39
CA GLY B 109 -3.87 5.60 -7.50
C GLY B 109 -3.96 6.42 -8.79
N GLN B 110 -3.39 5.88 -9.84
CA GLN B 110 -3.35 6.53 -11.16
C GLN B 110 -4.08 5.65 -12.19
N GLY B 111 -4.73 4.58 -11.74
CA GLY B 111 -5.44 3.66 -12.62
C GLY B 111 -4.55 2.60 -13.25
N LEU B 112 -3.26 2.58 -12.94
CA LEU B 112 -2.34 1.63 -13.54
C LEU B 112 -2.54 0.20 -13.11
N GLY B 113 -2.95 -0.02 -11.84
CA GLY B 113 -3.20 -1.38 -11.37
C GLY B 113 -4.37 -2.00 -12.16
N LYS B 114 -5.44 -1.24 -12.31
CA LYS B 114 -6.58 -1.74 -13.06
C LYS B 114 -6.18 -1.96 -14.54
N LEU B 115 -5.41 -1.05 -15.15
CA LEU B 115 -5.03 -1.26 -16.55
C LEU B 115 -4.12 -2.47 -16.68
N LEU B 116 -3.23 -2.71 -15.73
CA LEU B 116 -2.40 -3.91 -15.74
C LEU B 116 -3.29 -5.18 -15.68
N ILE B 117 -4.24 -5.18 -14.73
CA ILE B 117 -5.13 -6.38 -14.65
C ILE B 117 -5.91 -6.56 -15.97
N ASP B 118 -6.41 -5.47 -16.53
CA ASP B 118 -7.13 -5.56 -17.81
C ASP B 118 -6.25 -6.14 -18.92
N GLN B 119 -4.98 -5.76 -18.98
CA GLN B 119 -4.10 -6.32 -20.00
C GLN B 119 -3.85 -7.80 -19.77
N LEU B 120 -3.69 -8.18 -18.50
CA LEU B 120 -3.48 -9.61 -18.21
C LEU B 120 -4.72 -10.47 -18.58
N VAL B 121 -5.89 -9.94 -18.26
CA VAL B 121 -7.13 -10.61 -18.60
C VAL B 121 -7.27 -10.74 -20.13
N THR B 122 -6.90 -9.68 -20.86
CA THR B 122 -6.94 -9.72 -22.34
C THR B 122 -5.99 -10.80 -22.86
N ILE B 123 -4.79 -10.89 -22.30
CA ILE B 123 -3.86 -11.94 -22.71
C ILE B 123 -4.50 -13.30 -22.50
N GLY B 124 -5.06 -13.53 -21.30
CA GLY B 124 -5.64 -14.84 -21.02
C GLY B 124 -6.83 -15.17 -21.92
N PHE B 125 -7.76 -14.26 -22.06
CA PHE B 125 -8.91 -14.54 -22.91
C PHE B 125 -8.49 -14.68 -24.37
N ASP B 126 -7.50 -13.93 -24.84
CA ASP B 126 -7.07 -14.09 -26.27
C ASP B 126 -6.49 -15.47 -26.49
N TYR B 127 -5.90 -16.06 -25.47
CA TYR B 127 -5.36 -17.41 -25.60
C TYR B 127 -6.48 -18.45 -25.59
N GLY B 128 -7.65 -18.05 -25.15
CA GLY B 128 -8.80 -18.95 -25.07
C GLY B 128 -9.21 -19.42 -23.67
N CYS B 129 -8.70 -18.77 -22.61
CA CYS B 129 -9.06 -19.21 -21.28
C CYS B 129 -10.56 -19.09 -21.02
N TYR B 130 -11.14 -20.09 -20.34
CA TYR B 130 -12.55 -20.01 -20.01
C TYR B 130 -12.79 -19.27 -18.70
N LYS B 131 -11.75 -19.14 -17.88
CA LYS B 131 -11.82 -18.35 -16.66
C LYS B 131 -10.40 -17.89 -16.33
N ILE B 132 -10.36 -16.80 -15.58
CA ILE B 132 -9.11 -16.26 -15.04
C ILE B 132 -9.36 -16.07 -13.55
N ILE B 133 -8.42 -16.57 -12.74
CA ILE B 133 -8.58 -16.46 -11.30
C ILE B 133 -7.36 -15.86 -10.65
N LEU B 134 -7.52 -15.40 -9.42
CA LEU B 134 -6.40 -14.86 -8.63
C LEU B 134 -6.84 -14.95 -7.15
N ASP B 135 -5.87 -14.85 -6.27
CA ASP B 135 -6.17 -14.79 -4.83
C ASP B 135 -5.71 -13.46 -4.28
N CYS B 136 -6.46 -12.92 -3.31
CA CYS B 136 -6.05 -11.66 -2.69
C CYS B 136 -6.47 -11.57 -1.25
N ASP B 137 -5.88 -10.65 -0.50
CA ASP B 137 -6.34 -10.45 0.88
C ASP B 137 -7.67 -9.70 0.81
N GLU B 138 -8.49 -9.81 1.85
CA GLU B 138 -9.76 -9.15 1.84
C GLU B 138 -9.63 -7.64 1.54
N LYS B 139 -8.58 -7.00 2.01
CA LYS B 139 -8.46 -5.57 1.75
C LYS B 139 -8.36 -5.19 0.29
N ASN B 140 -8.00 -6.15 -0.58
CA ASN B 140 -7.88 -5.86 -2.03
C ASN B 140 -9.12 -6.25 -2.82
N VAL B 141 -10.18 -6.79 -2.19
CA VAL B 141 -11.32 -7.23 -2.91
C VAL B 141 -12.03 -6.12 -3.67
N LYS B 142 -12.17 -4.93 -3.06
CA LYS B 142 -12.83 -3.83 -3.73
C LYS B 142 -12.11 -3.44 -5.03
N PHE B 143 -10.78 -3.39 -4.97
CA PHE B 143 -10.01 -3.12 -6.20
C PHE B 143 -10.31 -4.17 -7.25
N TYR B 144 -10.27 -5.46 -6.91
CA TYR B 144 -10.50 -6.46 -7.93
C TYR B 144 -11.94 -6.45 -8.46
N GLU B 145 -12.91 -6.11 -7.62
CA GLU B 145 -14.29 -5.97 -8.09
C GLU B 145 -14.36 -4.86 -9.13
N LYS B 146 -13.60 -3.80 -8.93
CA LYS B 146 -13.59 -2.72 -9.91
C LYS B 146 -12.88 -3.10 -11.21
N CYS B 147 -12.14 -4.21 -11.20
CA CYS B 147 -11.49 -4.75 -12.42
C CYS B 147 -12.40 -5.80 -13.09
N GLY B 148 -13.60 -6.03 -12.54
CA GLY B 148 -14.54 -6.98 -13.16
C GLY B 148 -14.54 -8.35 -12.53
N PHE B 149 -13.76 -8.59 -11.47
CA PHE B 149 -13.72 -9.92 -10.83
C PHE B 149 -14.79 -10.05 -9.77
N SER B 150 -15.13 -11.30 -9.46
CA SER B 150 -16.11 -11.51 -8.40
C SER B 150 -15.60 -12.54 -7.42
N ASN B 151 -16.05 -12.43 -6.16
CA ASN B 151 -15.63 -13.33 -5.07
C ASN B 151 -16.09 -14.74 -5.39
N ALA B 152 -15.16 -15.66 -5.63
CA ALA B 152 -15.41 -17.05 -6.03
C ALA B 152 -15.13 -18.16 -5.03
N GLY B 153 -14.56 -17.81 -3.90
CA GLY B 153 -14.20 -18.83 -2.93
C GLY B 153 -13.15 -18.35 -1.97
N VAL B 154 -12.56 -19.31 -1.28
CA VAL B 154 -11.58 -19.05 -0.27
C VAL B 154 -10.23 -19.62 -0.67
N GLU B 155 -9.17 -18.83 -0.45
CA GLU B 155 -7.81 -19.30 -0.72
C GLU B 155 -7.28 -19.98 0.55
N MET B 156 -6.81 -21.20 0.40
CA MET B 156 -6.27 -21.95 1.51
C MET B 156 -4.81 -22.20 1.22
N GLN B 157 -3.99 -22.20 2.25
CA GLN B 157 -2.58 -22.45 2.03
C GLN B 157 -1.94 -23.36 3.10
N ILE B 158 -0.81 -23.94 2.73
CA ILE B 158 -0.03 -24.72 3.67
C ILE B 158 1.43 -24.40 3.37
N ARG B 159 2.24 -24.20 4.42
CA ARG B 159 3.66 -23.86 4.21
C ARG B 159 4.58 -24.97 4.67
N LYS B 160 5.74 -25.07 4.03
CA LYS B 160 6.69 -26.12 4.37
C LYS B 160 8.01 -25.93 3.63
N SER C 1 17.51 42.26 13.85
CA SER C 1 18.27 41.14 14.45
C SER C 1 19.27 40.56 13.44
N MET C 2 18.93 40.62 12.17
CA MET C 2 19.81 40.12 11.11
C MET C 2 19.62 40.92 9.82
N SER C 3 20.68 41.53 9.34
CA SER C 3 20.58 42.30 8.11
C SER C 3 20.51 41.48 6.84
N LEU C 4 19.77 41.97 5.85
CA LEU C 4 19.64 41.33 4.56
C LEU C 4 20.11 42.34 3.52
N PRO C 5 20.33 41.89 2.29
CA PRO C 5 20.78 42.80 1.25
C PRO C 5 19.78 43.87 0.81
N ASP C 6 20.34 44.98 0.36
CA ASP C 6 19.56 46.09 -0.19
C ASP C 6 18.62 46.81 0.78
N GLY C 7 19.03 46.92 2.03
CA GLY C 7 18.29 47.70 2.98
C GLY C 7 17.11 47.12 3.71
N PHE C 8 17.19 45.84 4.01
CA PHE C 8 16.14 45.14 4.74
C PHE C 8 16.78 44.42 5.92
N TYR C 9 15.99 44.10 6.93
CA TYR C 9 16.51 43.21 7.96
C TYR C 9 15.35 42.29 8.37
N ILE C 10 15.68 41.20 9.08
CA ILE C 10 14.64 40.24 9.54
C ILE C 10 14.69 40.09 11.04
N ARG C 11 13.54 39.93 11.68
CA ARG C 11 13.51 39.73 13.14
C ARG C 11 12.20 39.06 13.53
N ARG C 12 12.11 38.55 14.76
CA ARG C 12 10.87 37.94 15.20
C ARG C 12 9.79 39.01 15.31
N MET C 13 8.56 38.63 15.05
CA MET C 13 7.42 39.52 15.13
C MET C 13 7.26 39.98 16.57
N GLU C 14 6.87 41.25 16.72
CA GLU C 14 6.67 41.85 18.04
C GLU C 14 5.25 42.40 18.18
N GLU C 15 4.85 42.67 19.42
CA GLU C 15 3.50 43.16 19.69
C GLU C 15 3.14 44.44 18.92
N GLY C 16 4.13 45.33 18.75
CA GLY C 16 3.86 46.57 18.04
C GLY C 16 3.72 46.46 16.53
N ASP C 17 3.81 45.24 16.00
CA ASP C 17 3.73 45.04 14.54
C ASP C 17 2.32 44.77 14.04
N LEU C 18 1.33 44.75 14.91
CA LEU C 18 -0.02 44.41 14.48
C LEU C 18 -0.52 45.08 13.19
N GLU C 19 -0.50 46.40 13.14
CA GLU C 19 -1.00 47.10 11.97
C GLU C 19 -0.23 46.79 10.70
N GLN C 20 1.08 46.83 10.79
CA GLN C 20 1.91 46.57 9.61
C GLN C 20 1.80 45.10 9.14
N VAL C 21 1.70 44.18 10.11
CA VAL C 21 1.57 42.75 9.78
C VAL C 21 0.19 42.51 9.13
N THR C 22 -0.86 43.13 9.65
CA THR C 22 -2.18 43.03 9.06
C THR C 22 -2.19 43.50 7.61
N GLU C 23 -1.52 44.61 7.36
CA GLU C 23 -1.43 45.13 5.98
C GLU C 23 -0.73 44.15 5.05
N THR C 24 0.36 43.56 5.51
CA THR C 24 1.08 42.61 4.68
C THR C 24 0.28 41.33 4.44
N LEU C 25 -0.35 40.81 5.51
CA LEU C 25 -1.11 39.56 5.38
C LEU C 25 -2.34 39.65 4.48
N LYS C 26 -2.78 40.87 4.15
CA LYS C 26 -3.95 41.01 3.24
C LYS C 26 -3.79 40.28 1.92
N VAL C 27 -2.56 40.21 1.42
CA VAL C 27 -2.38 39.60 0.14
C VAL C 27 -2.62 38.13 0.14
N LEU C 28 -2.61 37.55 1.34
CA LEU C 28 -2.80 36.13 1.50
C LEU C 28 -4.24 35.79 1.87
N THR C 29 -4.69 36.26 3.03
CA THR C 29 -5.99 35.95 3.56
C THR C 29 -6.45 37.10 4.41
N THR C 30 -7.76 37.18 4.60
CA THR C 30 -8.35 38.21 5.44
C THR C 30 -7.92 38.00 6.91
N VAL C 31 -7.52 39.07 7.56
CA VAL C 31 -7.11 39.02 8.95
C VAL C 31 -8.28 39.40 9.83
N GLY C 32 -8.98 40.47 9.44
CA GLY C 32 -10.12 40.93 10.21
C GLY C 32 -9.73 41.84 11.39
N THR C 33 -10.71 42.18 12.20
CA THR C 33 -10.46 43.03 13.36
C THR C 33 -9.84 42.30 14.53
N ILE C 34 -8.62 42.69 14.90
CA ILE C 34 -7.92 42.07 16.01
C ILE C 34 -7.57 43.13 17.06
N THR C 35 -8.03 42.91 18.27
CA THR C 35 -7.74 43.85 19.36
C THR C 35 -6.27 43.79 19.76
N PRO C 36 -5.66 44.96 20.03
CA PRO C 36 -4.25 45.06 20.44
C PRO C 36 -3.95 44.14 21.64
N GLU C 37 -4.87 44.03 22.59
CA GLU C 37 -4.66 43.19 23.75
C GLU C 37 -4.65 41.71 23.39
N SER C 38 -5.49 41.31 22.44
CA SER C 38 -5.52 39.91 21.99
C SER C 38 -4.21 39.60 21.27
N PHE C 39 -3.76 40.51 20.43
CA PHE C 39 -2.53 40.28 19.70
C PHE C 39 -1.37 40.16 20.67
N CYS C 40 -1.39 40.97 21.72
CA CYS C 40 -0.34 40.93 22.71
C CYS C 40 -0.31 39.53 23.35
N LYS C 41 -1.49 38.96 23.59
CA LYS C 41 -1.61 37.62 24.19
C LYS C 41 -1.13 36.54 23.20
N LEU C 42 -1.39 36.75 21.91
CA LEU C 42 -0.93 35.80 20.91
C LEU C 42 0.61 35.80 20.87
N ILE C 43 1.22 36.99 20.85
CA ILE C 43 2.67 37.11 20.81
C ILE C 43 3.30 36.47 22.05
N LYS C 44 2.64 36.62 23.20
CA LYS C 44 3.13 36.01 24.43
C LYS C 44 3.12 34.49 24.27
N TYR C 45 2.02 33.96 23.71
CA TYR C 45 1.94 32.50 23.49
C TYR C 45 3.03 32.06 22.51
N TRP C 46 3.20 32.79 21.41
CA TRP C 46 4.23 32.41 20.44
C TRP C 46 5.65 32.53 20.99
N ASN C 47 5.85 33.39 21.98
CA ASN C 47 7.16 33.57 22.57
C ASN C 47 7.41 32.68 23.78
N GLU C 48 6.43 31.85 24.16
CA GLU C 48 6.64 30.94 25.29
C GLU C 48 6.52 29.46 24.92
N ALA C 49 5.72 29.12 23.91
CA ALA C 49 5.55 27.72 23.52
C ALA C 49 6.88 27.12 23.04
N THR C 50 7.33 26.07 23.71
CA THR C 50 8.57 25.42 23.32
C THR C 50 8.33 23.97 22.98
N VAL C 51 9.22 23.40 22.18
CA VAL C 51 9.10 22.02 21.73
C VAL C 51 9.96 21.12 22.62
N TRP C 52 9.37 20.01 23.05
CA TRP C 52 10.07 19.04 23.90
C TRP C 52 11.41 18.64 23.28
N ASN C 53 12.46 18.75 24.09
CA ASN C 53 13.79 18.41 23.62
C ASN C 53 14.60 17.70 24.70
N LYS C 59 17.06 25.55 23.41
CA LYS C 59 15.62 25.85 23.48
C LYS C 59 15.05 25.89 22.06
N ILE C 60 13.95 25.19 21.83
CA ILE C 60 13.35 25.21 20.48
C ILE C 60 11.99 25.91 20.55
N MET C 61 11.84 27.05 19.85
CA MET C 61 10.54 27.70 19.87
C MET C 61 9.62 26.99 18.90
N GLN C 62 8.42 26.64 19.34
CA GLN C 62 7.52 25.98 18.42
C GLN C 62 7.17 26.94 17.28
N TYR C 63 6.95 28.21 17.59
CA TYR C 63 6.58 29.22 16.60
C TYR C 63 7.74 30.16 16.35
N ASN C 64 7.95 30.49 15.08
CA ASN C 64 9.02 31.42 14.67
C ASN C 64 8.46 32.38 13.65
N PRO C 65 7.60 33.29 14.11
CA PRO C 65 6.95 34.29 13.26
C PRO C 65 7.93 35.40 12.95
N MET C 66 8.32 35.51 11.69
CA MET C 66 9.32 36.48 11.27
C MET C 66 8.73 37.58 10.41
N VAL C 67 9.33 38.76 10.54
CA VAL C 67 8.98 39.91 9.66
C VAL C 67 10.28 40.43 9.01
N ILE C 68 10.18 40.75 7.73
CA ILE C 68 11.30 41.43 7.02
C ILE C 68 10.87 42.90 7.01
N VAL C 69 11.73 43.78 7.53
CA VAL C 69 11.45 45.19 7.63
C VAL C 69 12.30 45.98 6.66
N ASP C 70 11.66 46.93 5.96
CA ASP C 70 12.38 47.81 5.04
C ASP C 70 12.95 48.95 5.87
N LYS C 71 14.29 49.03 5.92
CA LYS C 71 14.98 50.06 6.69
C LYS C 71 14.70 51.51 6.22
N ARG C 72 14.36 51.66 4.94
CA ARG C 72 14.11 53.00 4.42
C ARG C 72 12.95 53.68 5.11
N THR C 73 11.92 52.91 5.48
CA THR C 73 10.72 53.48 6.08
C THR C 73 10.26 52.79 7.34
N GLU C 74 11.05 51.82 7.81
CA GLU C 74 10.71 51.03 8.98
C GLU C 74 9.33 50.37 8.83
N THR C 75 9.07 49.83 7.65
CA THR C 75 7.78 49.21 7.37
C THR C 75 7.95 47.70 7.16
N VAL C 76 6.99 46.94 7.66
CA VAL C 76 7.05 45.49 7.45
C VAL C 76 6.79 45.23 5.97
N ALA C 77 7.71 44.56 5.30
CA ALA C 77 7.60 44.26 3.90
C ALA C 77 7.18 42.83 3.58
N ALA C 78 7.40 41.89 4.52
CA ALA C 78 7.07 40.50 4.28
C ALA C 78 6.99 39.84 5.64
N THR C 79 6.22 38.76 5.68
CA THR C 79 6.12 37.97 6.93
C THR C 79 5.96 36.51 6.58
N GLY C 80 6.46 35.64 7.48
CA GLY C 80 6.33 34.20 7.30
C GLY C 80 6.62 33.51 8.62
N ASN C 81 6.16 32.27 8.76
CA ASN C 81 6.37 31.56 10.03
C ASN C 81 6.89 30.17 9.69
N ILE C 82 7.66 29.65 10.63
CA ILE C 82 8.03 28.23 10.57
C ILE C 82 7.69 27.65 11.94
N ILE C 83 6.86 26.63 11.89
CA ILE C 83 6.41 25.93 13.12
C ILE C 83 7.14 24.60 13.22
N ILE C 84 7.68 24.34 14.40
CA ILE C 84 8.43 23.12 14.63
C ILE C 84 7.52 22.06 15.34
N GLU C 85 7.48 20.85 14.78
CA GLU C 85 6.65 19.75 15.27
C GLU C 85 7.58 18.57 15.65
N ARG C 86 7.31 17.97 16.81
CA ARG C 86 8.06 16.76 17.22
C ARG C 86 7.15 15.60 16.82
N LYS C 87 7.70 14.65 16.06
CA LYS C 87 6.93 13.49 15.63
C LYS C 87 7.45 12.25 16.35
N ILE C 88 6.79 11.13 16.07
CA ILE C 88 7.26 9.82 16.55
C ILE C 88 8.17 9.24 15.45
N ILE C 89 7.76 9.35 14.19
CA ILE C 89 8.55 8.81 13.06
C ILE C 89 9.93 9.46 12.97
N HIS C 90 10.83 8.77 12.27
CA HIS C 90 12.21 9.25 12.14
C HIS C 90 12.86 9.45 13.50
N GLU C 91 12.64 8.46 14.37
CA GLU C 91 13.24 8.45 15.74
C GLU C 91 13.04 9.76 16.47
N LEU C 92 11.74 10.06 16.65
CA LEU C 92 11.33 11.31 17.33
C LEU C 92 11.87 12.51 16.57
N GLY C 93 11.76 12.48 15.25
CA GLY C 93 12.28 13.59 14.46
C GLY C 93 11.52 14.91 14.60
N LEU C 94 12.20 15.96 14.19
CA LEU C 94 11.65 17.33 14.18
C LEU C 94 11.32 17.69 12.72
N CYS C 95 10.09 18.15 12.51
CA CYS C 95 9.68 18.50 11.16
C CYS C 95 9.26 19.97 11.18
N GLY C 96 9.73 20.74 10.20
CA GLY C 96 9.36 22.16 10.12
C GLY C 96 8.19 22.32 9.18
N HIS C 97 7.34 23.30 9.47
CA HIS C 97 6.20 23.59 8.62
C HIS C 97 6.18 25.09 8.37
N ILE C 98 6.41 25.47 7.12
CA ILE C 98 6.40 26.91 6.77
C ILE C 98 4.95 27.28 6.44
N GLU C 99 4.52 28.39 7.03
CA GLU C 99 3.13 28.82 6.90
C GLU C 99 3.03 30.34 6.77
N ASP C 100 1.90 30.78 6.20
CA ASP C 100 1.51 32.19 6.18
C ASP C 100 2.55 33.15 5.60
N ILE C 101 3.01 32.77 4.41
CA ILE C 101 3.98 33.57 3.67
C ILE C 101 3.26 34.69 2.93
N ALA C 102 3.67 35.92 3.18
CA ALA C 102 3.02 37.06 2.52
C ALA C 102 4.04 38.17 2.31
N VAL C 103 4.20 38.62 1.06
CA VAL C 103 5.03 39.79 0.75
C VAL C 103 4.05 40.94 0.43
N ASN C 104 4.22 42.05 1.16
CA ASN C 104 3.35 43.24 1.04
C ASN C 104 3.26 43.56 -0.45
N SER C 105 2.07 43.93 -0.92
CA SER C 105 1.91 44.15 -2.37
C SER C 105 2.84 45.19 -3.02
N LYS C 106 3.39 46.10 -2.23
CA LYS C 106 4.32 47.11 -2.80
C LYS C 106 5.75 46.58 -2.88
N TYR C 107 5.97 45.36 -2.38
CA TYR C 107 7.32 44.79 -2.30
C TYR C 107 7.54 43.48 -3.02
N GLN C 108 6.58 43.10 -3.86
CA GLN C 108 6.73 41.86 -4.59
C GLN C 108 7.64 41.93 -5.83
N GLY C 109 8.14 40.79 -6.28
CA GLY C 109 8.94 40.76 -7.48
C GLY C 109 10.35 41.34 -7.40
N GLN C 110 10.90 41.48 -6.20
CA GLN C 110 12.27 41.99 -6.06
C GLN C 110 13.14 41.05 -5.21
N GLY C 111 12.69 39.80 -5.04
CA GLY C 111 13.49 38.82 -4.31
C GLY C 111 13.20 38.61 -2.83
N LEU C 112 12.27 39.36 -2.26
CA LEU C 112 12.00 39.24 -0.83
C LEU C 112 11.40 37.91 -0.44
N GLY C 113 10.51 37.38 -1.27
CA GLY C 113 9.92 36.08 -0.96
C GLY C 113 11.00 35.04 -0.79
N LYS C 114 11.89 34.96 -1.76
CA LYS C 114 13.00 34.02 -1.69
C LYS C 114 13.89 34.25 -0.46
N LEU C 115 14.17 35.53 -0.16
CA LEU C 115 14.99 35.80 1.01
C LEU C 115 14.30 35.30 2.27
N LEU C 116 12.99 35.55 2.35
CA LEU C 116 12.22 35.09 3.53
C LEU C 116 12.22 33.57 3.68
N ILE C 117 11.95 32.86 2.59
CA ILE C 117 11.91 31.40 2.65
C ILE C 117 13.31 30.89 3.01
N ASP C 118 14.37 31.49 2.45
CA ASP C 118 15.74 31.01 2.77
C ASP C 118 16.00 31.18 4.26
N GLN C 119 15.55 32.30 4.86
CA GLN C 119 15.73 32.52 6.29
C GLN C 119 14.96 31.50 7.15
N LEU C 120 13.70 31.23 6.76
CA LEU C 120 12.91 30.24 7.50
C LEU C 120 13.53 28.85 7.42
N VAL C 121 14.04 28.51 6.25
CA VAL C 121 14.69 27.22 6.07
C VAL C 121 15.94 27.12 6.98
N THR C 122 16.69 28.21 7.06
CA THR C 122 17.88 28.22 7.94
C THR C 122 17.48 27.99 9.41
N ILE C 123 16.42 28.68 9.82
CA ILE C 123 15.95 28.50 11.19
C ILE C 123 15.58 27.05 11.47
N GLY C 124 14.79 26.46 10.57
CA GLY C 124 14.35 25.11 10.81
C GLY C 124 15.49 24.09 10.85
N PHE C 125 16.38 24.19 9.87
CA PHE C 125 17.49 23.23 9.86
C PHE C 125 18.44 23.47 11.05
N ASP C 126 18.59 24.71 11.49
CA ASP C 126 19.44 24.93 12.67
C ASP C 126 18.86 24.33 13.96
N TYR C 127 17.53 24.19 14.06
CA TYR C 127 16.89 23.55 15.21
C TYR C 127 17.03 22.03 15.13
N GLY C 128 17.39 21.53 13.94
CA GLY C 128 17.55 20.10 13.73
C GLY C 128 16.47 19.38 12.93
N CYS C 129 15.62 20.12 12.21
CA CYS C 129 14.57 19.48 11.45
C CYS C 129 15.16 18.60 10.38
N TYR C 130 14.57 17.43 10.15
CA TYR C 130 15.07 16.56 9.08
C TYR C 130 14.51 16.99 7.72
N LYS C 131 13.37 17.69 7.73
CA LYS C 131 12.77 18.20 6.51
C LYS C 131 11.88 19.36 6.94
N ILE C 132 11.57 20.18 5.93
CA ILE C 132 10.69 21.34 6.11
C ILE C 132 9.69 21.22 4.97
N ILE C 133 8.40 21.35 5.30
CA ILE C 133 7.36 21.26 4.31
C ILE C 133 6.46 22.47 4.33
N LEU C 134 5.74 22.65 3.22
CA LEU C 134 4.76 23.73 3.13
C LEU C 134 3.76 23.35 2.04
N ASP C 135 2.65 24.05 2.00
CA ASP C 135 1.61 23.84 0.99
C ASP C 135 1.43 25.11 0.19
N CYS C 136 1.19 24.97 -1.11
CA CYS C 136 0.96 26.17 -1.93
C CYS C 136 0.04 25.85 -3.09
N ASP C 137 -0.53 26.90 -3.68
CA ASP C 137 -1.35 26.66 -4.85
C ASP C 137 -0.42 26.34 -6.02
N GLU C 138 -0.96 25.65 -7.01
CA GLU C 138 -0.18 25.28 -8.17
C GLU C 138 0.54 26.49 -8.80
N LYS C 139 -0.09 27.67 -8.79
CA LYS C 139 0.56 28.84 -9.39
C LYS C 139 1.83 29.32 -8.68
N ASN C 140 2.03 28.87 -7.44
CA ASN C 140 3.24 29.24 -6.67
C ASN C 140 4.32 28.15 -6.64
N VAL C 141 4.04 26.98 -7.22
CA VAL C 141 5.01 25.91 -7.23
C VAL C 141 6.37 26.36 -7.80
N LYS C 142 6.37 27.11 -8.90
CA LYS C 142 7.62 27.54 -9.51
C LYS C 142 8.44 28.45 -8.59
N PHE C 143 7.75 29.28 -7.80
CA PHE C 143 8.44 30.13 -6.85
C PHE C 143 9.15 29.24 -5.83
N TYR C 144 8.44 28.23 -5.30
CA TYR C 144 9.08 27.38 -4.30
C TYR C 144 10.19 26.50 -4.85
N GLU C 145 10.10 26.15 -6.13
CA GLU C 145 11.18 25.39 -6.77
C GLU C 145 12.45 26.29 -6.85
N LYS C 146 12.25 27.60 -7.10
CA LYS C 146 13.37 28.57 -7.14
C LYS C 146 14.01 28.71 -5.75
N CYS C 147 13.27 28.32 -4.70
CA CYS C 147 13.75 28.37 -3.33
C CYS C 147 14.35 27.04 -2.86
N GLY C 148 14.46 26.07 -3.77
CA GLY C 148 15.06 24.79 -3.44
C GLY C 148 14.12 23.66 -3.02
N PHE C 149 12.80 23.93 -3.08
CA PHE C 149 11.80 22.91 -2.69
C PHE C 149 11.44 22.01 -3.85
N SER C 150 10.88 20.84 -3.56
CA SER C 150 10.43 19.92 -4.61
C SER C 150 9.04 19.40 -4.26
N ASN C 151 8.32 18.94 -5.26
CA ASN C 151 6.96 18.43 -5.04
C ASN C 151 7.05 17.21 -4.13
N ALA C 152 6.18 17.14 -3.13
CA ALA C 152 6.19 16.04 -2.17
C ALA C 152 4.84 15.37 -2.04
N GLY C 153 3.78 15.97 -2.56
CA GLY C 153 2.46 15.38 -2.42
C GLY C 153 1.37 16.36 -2.68
N VAL C 154 0.19 16.03 -2.18
CA VAL C 154 -1.03 16.79 -2.39
C VAL C 154 -1.58 17.34 -1.09
N GLU C 155 -2.00 18.58 -1.07
CA GLU C 155 -2.65 19.10 0.15
C GLU C 155 -4.16 18.89 0.01
N MET C 156 -4.79 18.29 1.03
CA MET C 156 -6.24 18.06 1.04
C MET C 156 -6.82 18.89 2.20
N GLN C 157 -8.08 19.29 2.10
CA GLN C 157 -8.70 20.08 3.17
C GLN C 157 -10.18 19.76 3.37
N ILE C 158 -10.62 20.10 4.59
CA ILE C 158 -12.05 20.02 4.92
C ILE C 158 -12.42 21.24 5.75
N ARG C 159 -13.68 21.67 5.57
CA ARG C 159 -14.26 22.80 6.30
C ARG C 159 -15.65 22.43 6.74
N SER D 1 3.62 -46.75 -9.24
CA SER D 1 2.44 -46.68 -8.33
C SER D 1 2.86 -46.63 -6.87
N MET D 2 1.89 -46.38 -5.99
CA MET D 2 2.15 -46.29 -4.56
C MET D 2 0.92 -46.76 -3.80
N SER D 3 1.09 -47.75 -2.91
CA SER D 3 -0.04 -48.25 -2.15
C SER D 3 -0.47 -47.32 -1.03
N LEU D 4 -1.77 -47.24 -0.82
CA LEU D 4 -2.38 -46.41 0.21
C LEU D 4 -3.20 -47.32 1.12
N PRO D 5 -3.62 -46.83 2.30
CA PRO D 5 -4.42 -47.64 3.23
C PRO D 5 -5.80 -48.03 2.71
N ASP D 6 -6.35 -49.07 3.32
CA ASP D 6 -7.68 -49.58 3.00
C ASP D 6 -7.93 -50.00 1.54
N GLY D 7 -6.91 -50.53 0.90
CA GLY D 7 -7.08 -51.05 -0.44
C GLY D 7 -7.12 -50.12 -1.62
N PHE D 8 -6.37 -49.01 -1.53
CA PHE D 8 -6.29 -48.07 -2.64
C PHE D 8 -4.82 -47.91 -3.01
N TYR D 9 -4.58 -47.36 -4.19
CA TYR D 9 -3.20 -47.01 -4.56
C TYR D 9 -3.29 -45.74 -5.42
N ILE D 10 -2.17 -45.02 -5.53
CA ILE D 10 -2.14 -43.80 -6.31
C ILE D 10 -1.06 -43.84 -7.39
N ARG D 11 -1.32 -43.22 -8.53
CA ARG D 11 -0.36 -43.19 -9.64
C ARG D 11 -0.68 -42.03 -10.57
N ARG D 12 0.26 -41.69 -11.44
CA ARG D 12 0.02 -40.61 -12.38
C ARG D 12 -1.04 -41.05 -13.38
N MET D 13 -1.85 -40.11 -13.82
CA MET D 13 -2.87 -40.38 -14.80
C MET D 13 -2.23 -40.87 -16.13
N GLU D 14 -2.94 -41.77 -16.81
CA GLU D 14 -2.48 -42.34 -18.08
C GLU D 14 -3.57 -42.22 -19.15
N GLU D 15 -3.18 -42.40 -20.41
CA GLU D 15 -4.07 -42.31 -21.55
C GLU D 15 -5.33 -43.13 -21.39
N GLY D 16 -5.18 -44.35 -20.90
CA GLY D 16 -6.33 -45.22 -20.73
C GLY D 16 -7.36 -44.84 -19.69
N ASP D 17 -7.05 -43.84 -18.87
CA ASP D 17 -7.97 -43.39 -17.83
C ASP D 17 -9.07 -42.43 -18.33
N LEU D 18 -9.06 -42.07 -19.61
CA LEU D 18 -10.06 -41.11 -20.13
C LEU D 18 -11.50 -41.32 -19.65
N GLU D 19 -12.05 -42.49 -19.93
CA GLU D 19 -13.42 -42.78 -19.55
C GLU D 19 -13.71 -42.61 -18.06
N GLN D 20 -12.88 -43.23 -17.20
CA GLN D 20 -13.11 -43.18 -15.77
C GLN D 20 -12.88 -41.79 -15.17
N VAL D 21 -11.84 -41.11 -15.66
CA VAL D 21 -11.51 -39.78 -15.17
C VAL D 21 -12.62 -38.80 -15.58
N THR D 22 -13.20 -39.00 -16.77
CA THR D 22 -14.30 -38.15 -17.21
C THR D 22 -15.47 -38.26 -16.24
N GLU D 23 -15.82 -39.49 -15.87
CA GLU D 23 -16.91 -39.66 -14.95
C GLU D 23 -16.64 -39.05 -13.57
N THR D 24 -15.41 -39.21 -13.11
CA THR D 24 -15.02 -38.67 -11.86
C THR D 24 -15.07 -37.12 -11.85
N LEU D 25 -14.50 -36.49 -12.88
CA LEU D 25 -14.46 -35.02 -12.91
C LEU D 25 -15.84 -34.40 -13.07
N LYS D 26 -16.80 -35.18 -13.58
CA LYS D 26 -18.15 -34.67 -13.72
C LYS D 26 -18.78 -34.39 -12.35
N VAL D 27 -18.19 -34.89 -11.26
CA VAL D 27 -18.70 -34.59 -9.93
C VAL D 27 -18.36 -33.12 -9.63
N LEU D 28 -17.33 -32.62 -10.29
CA LEU D 28 -16.87 -31.25 -10.13
C LEU D 28 -17.57 -30.25 -11.09
N THR D 29 -17.53 -30.53 -12.39
CA THR D 29 -18.12 -29.65 -13.39
C THR D 29 -18.16 -30.29 -14.78
N THR D 30 -18.45 -29.51 -15.82
CA THR D 30 -18.51 -30.00 -17.19
C THR D 30 -17.16 -30.48 -17.69
N VAL D 31 -17.16 -31.66 -18.29
CA VAL D 31 -15.98 -32.19 -18.93
C VAL D 31 -16.15 -32.07 -20.46
N GLY D 32 -17.29 -32.52 -20.97
CA GLY D 32 -17.50 -32.41 -22.40
C GLY D 32 -17.03 -33.65 -23.14
N THR D 33 -16.97 -33.56 -24.47
CA THR D 33 -16.57 -34.72 -25.26
C THR D 33 -15.12 -34.57 -25.67
N ILE D 34 -14.29 -35.48 -25.19
CA ILE D 34 -12.86 -35.46 -25.48
C ILE D 34 -12.48 -36.74 -26.23
N THR D 35 -11.91 -36.61 -27.41
CA THR D 35 -11.55 -37.80 -28.16
C THR D 35 -10.29 -38.42 -27.58
N PRO D 36 -10.10 -39.74 -27.78
CA PRO D 36 -8.89 -40.38 -27.25
C PRO D 36 -7.63 -39.72 -27.84
N GLU D 37 -7.69 -39.34 -29.11
CA GLU D 37 -6.53 -38.69 -29.74
C GLU D 37 -6.17 -37.39 -29.01
N SER D 38 -7.15 -36.56 -28.75
CA SER D 38 -6.88 -35.30 -28.03
C SER D 38 -6.36 -35.60 -26.63
N PHE D 39 -6.98 -36.56 -25.95
CA PHE D 39 -6.50 -36.91 -24.61
C PHE D 39 -5.07 -37.41 -24.62
N CYS D 40 -4.70 -38.15 -25.68
CA CYS D 40 -3.34 -38.65 -25.78
C CYS D 40 -2.36 -37.48 -25.87
N LYS D 41 -2.73 -36.47 -26.66
CA LYS D 41 -1.91 -35.29 -26.82
C LYS D 41 -1.80 -34.54 -25.48
N LEU D 42 -2.90 -34.46 -24.73
CA LEU D 42 -2.87 -33.80 -23.43
C LEU D 42 -1.91 -34.49 -22.46
N ILE D 43 -2.01 -35.82 -22.38
CA ILE D 43 -1.18 -36.61 -21.51
C ILE D 43 0.31 -36.46 -21.91
N LYS D 44 0.59 -36.43 -23.21
CA LYS D 44 1.96 -36.27 -23.68
C LYS D 44 2.50 -34.91 -23.20
N TYR D 45 1.69 -33.87 -23.32
CA TYR D 45 2.10 -32.55 -22.86
C TYR D 45 2.33 -32.55 -21.33
N TRP D 46 1.39 -33.12 -20.59
CA TRP D 46 1.54 -33.19 -19.15
C TRP D 46 2.75 -34.03 -18.70
N ASN D 47 3.18 -34.96 -19.54
CA ASN D 47 4.31 -35.81 -19.20
C ASN D 47 5.62 -35.27 -19.73
N GLU D 48 5.60 -34.18 -20.47
CA GLU D 48 6.84 -33.61 -21.01
C GLU D 48 7.15 -32.21 -20.49
N ALA D 49 6.12 -31.50 -20.04
CA ALA D 49 6.32 -30.13 -19.58
C ALA D 49 7.04 -30.10 -18.25
N THR D 50 8.25 -29.57 -18.24
CA THR D 50 9.01 -29.50 -16.99
C THR D 50 9.30 -28.07 -16.57
N VAL D 51 9.54 -27.90 -15.28
CA VAL D 51 9.89 -26.63 -14.67
C VAL D 51 11.41 -26.57 -14.54
N TRP D 52 11.99 -25.53 -15.14
CA TRP D 52 13.43 -25.26 -15.09
C TRP D 52 13.94 -25.36 -13.67
N ASN D 53 14.98 -26.17 -13.49
CA ASN D 53 15.56 -26.39 -12.20
C ASN D 53 16.99 -26.90 -12.35
N ASP D 54 17.87 -26.47 -11.46
CA ASP D 54 19.25 -26.94 -11.53
C ASP D 54 19.48 -27.93 -10.39
N ASN D 55 18.80 -29.07 -10.47
CA ASN D 55 18.92 -30.10 -9.46
C ASN D 55 18.71 -31.50 -10.00
N LYS D 59 13.78 -34.12 -11.60
CA LYS D 59 12.98 -33.39 -12.58
C LYS D 59 11.63 -32.97 -12.01
N ILE D 60 11.33 -31.70 -12.19
CA ILE D 60 10.08 -31.13 -11.71
C ILE D 60 9.05 -31.06 -12.81
N MET D 61 7.97 -31.83 -12.64
CA MET D 61 6.94 -31.77 -13.65
C MET D 61 6.00 -30.60 -13.35
N GLN D 62 5.68 -29.82 -14.37
CA GLN D 62 4.74 -28.70 -14.21
C GLN D 62 3.38 -29.24 -13.72
N TYR D 63 2.95 -30.35 -14.32
CA TYR D 63 1.67 -30.97 -13.98
C TYR D 63 1.89 -32.31 -13.28
N ASN D 64 1.06 -32.61 -12.29
CA ASN D 64 1.18 -33.87 -11.55
C ASN D 64 -0.23 -34.41 -11.32
N PRO D 65 -0.87 -34.87 -12.41
CA PRO D 65 -2.23 -35.40 -12.38
C PRO D 65 -2.24 -36.79 -11.78
N MET D 66 -2.90 -36.95 -10.64
CA MET D 66 -2.93 -38.22 -9.94
C MET D 66 -4.32 -38.82 -9.94
N VAL D 67 -4.35 -40.16 -9.92
CA VAL D 67 -5.60 -40.89 -9.77
C VAL D 67 -5.43 -41.88 -8.62
N ILE D 68 -6.45 -42.02 -7.81
CA ILE D 68 -6.44 -43.03 -6.76
C ILE D 68 -7.35 -44.13 -7.30
N VAL D 69 -6.79 -45.34 -7.40
CA VAL D 69 -7.50 -46.54 -7.89
C VAL D 69 -7.91 -47.44 -6.72
N ASP D 70 -9.15 -47.93 -6.76
CA ASP D 70 -9.69 -48.86 -5.75
C ASP D 70 -9.23 -50.26 -6.21
N LYS D 71 -8.45 -50.94 -5.36
CA LYS D 71 -7.95 -52.27 -5.72
C LYS D 71 -9.08 -53.29 -5.82
N ARG D 72 -10.17 -53.03 -5.12
CA ARG D 72 -11.30 -53.96 -5.14
C ARG D 72 -11.96 -54.08 -6.51
N THR D 73 -11.89 -53.00 -7.30
CA THR D 73 -12.54 -52.94 -8.61
C THR D 73 -11.61 -52.52 -9.75
N GLU D 74 -10.42 -52.06 -9.39
CA GLU D 74 -9.44 -51.54 -10.35
C GLU D 74 -10.01 -50.40 -11.17
N THR D 75 -10.82 -49.58 -10.53
CA THR D 75 -11.42 -48.41 -11.17
C THR D 75 -10.96 -47.15 -10.43
N VAL D 76 -10.99 -46.02 -11.13
CA VAL D 76 -10.57 -44.74 -10.52
C VAL D 76 -11.61 -44.25 -9.50
N ALA D 77 -11.18 -43.96 -8.27
CA ALA D 77 -12.05 -43.49 -7.20
C ALA D 77 -11.97 -42.00 -6.95
N ALA D 78 -10.82 -41.40 -7.30
CA ALA D 78 -10.60 -39.96 -7.07
C ALA D 78 -9.48 -39.50 -7.96
N THR D 79 -9.47 -38.19 -8.22
CA THR D 79 -8.39 -37.58 -8.99
C THR D 79 -8.12 -36.18 -8.45
N GLY D 80 -6.84 -35.74 -8.58
CA GLY D 80 -6.48 -34.40 -8.13
C GLY D 80 -5.18 -34.04 -8.84
N ASN D 81 -4.82 -32.74 -8.89
CA ASN D 81 -3.60 -32.33 -9.61
C ASN D 81 -2.90 -31.28 -8.78
N ILE D 82 -1.57 -31.19 -8.91
CA ILE D 82 -0.85 -30.08 -8.30
C ILE D 82 0.06 -29.55 -9.43
N ILE D 83 -0.07 -28.23 -9.67
CA ILE D 83 0.67 -27.54 -10.75
C ILE D 83 1.80 -26.76 -10.07
N ILE D 84 2.98 -26.81 -10.68
CA ILE D 84 4.17 -26.18 -10.06
C ILE D 84 4.57 -24.94 -10.90
N GLU D 85 4.70 -23.83 -10.18
CA GLU D 85 5.01 -22.51 -10.74
C GLU D 85 6.32 -21.97 -10.18
N ARG D 86 7.15 -21.40 -11.06
CA ARG D 86 8.39 -20.76 -10.60
C ARG D 86 8.10 -19.25 -10.55
N LYS D 87 8.38 -18.63 -9.41
CA LYS D 87 8.18 -17.19 -9.24
C LYS D 87 9.51 -16.42 -9.15
N ILE D 88 9.41 -15.10 -9.03
CA ILE D 88 10.61 -14.29 -8.74
C ILE D 88 10.71 -14.10 -7.22
N ILE D 89 9.61 -13.82 -6.56
CA ILE D 89 9.56 -13.64 -5.12
C ILE D 89 10.05 -14.90 -4.37
N HIS D 90 10.45 -14.66 -3.12
CA HIS D 90 10.95 -15.74 -2.27
C HIS D 90 12.19 -16.40 -2.89
N GLU D 91 13.09 -15.55 -3.41
CA GLU D 91 14.34 -15.98 -4.02
C GLU D 91 14.13 -17.02 -5.10
N LEU D 92 13.32 -16.63 -6.09
CA LEU D 92 12.95 -17.48 -7.21
C LEU D 92 12.29 -18.76 -6.69
N GLY D 93 11.33 -18.58 -5.80
CA GLY D 93 10.63 -19.69 -5.18
C GLY D 93 9.70 -20.50 -6.05
N LEU D 94 9.41 -21.71 -5.58
CA LEU D 94 8.46 -22.62 -6.24
C LEU D 94 7.17 -22.61 -5.44
N CYS D 95 6.02 -22.45 -6.13
CA CYS D 95 4.71 -22.43 -5.47
C CYS D 95 3.87 -23.53 -6.11
N GLY D 96 3.25 -24.36 -5.27
CA GLY D 96 2.36 -25.40 -5.78
C GLY D 96 0.91 -24.92 -5.78
N HIS D 97 0.13 -25.38 -6.75
CA HIS D 97 -1.28 -25.01 -6.88
C HIS D 97 -2.08 -26.30 -7.03
N ILE D 98 -2.85 -26.65 -6.01
CA ILE D 98 -3.66 -27.88 -6.08
C ILE D 98 -4.96 -27.52 -6.78
N GLU D 99 -5.35 -28.36 -7.72
CA GLU D 99 -6.48 -28.11 -8.57
C GLU D 99 -7.25 -29.39 -8.91
N ASP D 100 -8.51 -29.20 -9.24
CA ASP D 100 -9.34 -30.25 -9.81
C ASP D 100 -9.47 -31.52 -9.02
N ILE D 101 -9.80 -31.31 -7.76
CA ILE D 101 -9.99 -32.37 -6.74
C ILE D 101 -11.40 -32.91 -6.89
N ALA D 102 -11.52 -34.20 -7.17
CA ALA D 102 -12.83 -34.83 -7.34
C ALA D 102 -12.78 -36.26 -6.80
N VAL D 103 -13.70 -36.55 -5.89
CA VAL D 103 -13.81 -37.91 -5.34
C VAL D 103 -15.16 -38.43 -5.80
N ASN D 104 -15.20 -39.62 -6.42
CA ASN D 104 -16.47 -40.15 -6.87
C ASN D 104 -17.48 -40.19 -5.74
N SER D 105 -18.73 -39.95 -6.10
CA SER D 105 -19.79 -39.86 -5.09
C SER D 105 -19.85 -41.04 -4.13
N LYS D 106 -19.74 -42.25 -4.69
CA LYS D 106 -19.82 -43.45 -3.86
C LYS D 106 -18.61 -43.62 -2.92
N TYR D 107 -17.53 -42.87 -3.17
CA TYR D 107 -16.31 -42.95 -2.36
C TYR D 107 -16.13 -41.79 -1.40
N GLN D 108 -17.09 -40.87 -1.35
CA GLN D 108 -16.99 -39.72 -0.47
C GLN D 108 -17.27 -40.06 1.01
N GLY D 109 -16.74 -39.26 1.94
CA GLY D 109 -16.99 -39.49 3.37
C GLY D 109 -16.25 -40.63 4.04
N GLN D 110 -15.18 -41.11 3.44
CA GLN D 110 -14.41 -42.19 4.04
C GLN D 110 -12.92 -41.88 4.15
N GLY D 111 -12.55 -40.62 4.01
CA GLY D 111 -11.16 -40.22 4.15
C GLY D 111 -10.29 -40.22 2.90
N LEU D 112 -10.90 -40.49 1.76
CA LEU D 112 -10.12 -40.57 0.53
C LEU D 112 -9.66 -39.17 0.05
N GLY D 113 -10.50 -38.17 0.19
CA GLY D 113 -10.07 -36.82 -0.21
C GLY D 113 -8.86 -36.40 0.62
N LYS D 114 -8.90 -36.67 1.92
CA LYS D 114 -7.78 -36.32 2.79
C LYS D 114 -6.53 -37.05 2.35
N LEU D 115 -6.64 -38.33 2.00
CA LEU D 115 -5.47 -39.06 1.53
C LEU D 115 -4.89 -38.47 0.23
N LEU D 116 -5.77 -38.05 -0.67
CA LEU D 116 -5.34 -37.50 -1.95
C LEU D 116 -4.60 -36.16 -1.74
N ILE D 117 -5.19 -35.29 -0.93
CA ILE D 117 -4.58 -33.99 -0.66
C ILE D 117 -3.24 -34.18 0.00
N ASP D 118 -3.15 -35.14 0.94
CA ASP D 118 -1.84 -35.37 1.58
C ASP D 118 -0.76 -35.81 0.59
N GLN D 119 -1.14 -36.65 -0.38
CA GLN D 119 -0.21 -37.09 -1.41
C GLN D 119 0.24 -35.92 -2.31
N LEU D 120 -0.70 -35.04 -2.66
CA LEU D 120 -0.37 -33.90 -3.51
C LEU D 120 0.55 -32.93 -2.76
N VAL D 121 0.29 -32.71 -1.48
CA VAL D 121 1.14 -31.86 -0.67
C VAL D 121 2.56 -32.42 -0.60
N THR D 122 2.68 -33.73 -0.41
CA THR D 122 4.02 -34.34 -0.36
C THR D 122 4.73 -34.15 -1.71
N ILE D 123 4.03 -34.34 -2.83
CA ILE D 123 4.65 -34.12 -4.12
C ILE D 123 5.20 -32.66 -4.25
N GLY D 124 4.39 -31.69 -3.88
CA GLY D 124 4.82 -30.30 -3.97
C GLY D 124 6.01 -29.98 -3.05
N PHE D 125 5.92 -30.40 -1.79
CA PHE D 125 7.01 -30.10 -0.88
C PHE D 125 8.28 -30.86 -1.24
N ASP D 126 8.17 -32.06 -1.80
CA ASP D 126 9.39 -32.78 -2.20
C ASP D 126 10.09 -32.09 -3.38
N TYR D 127 9.34 -31.34 -4.19
CA TYR D 127 9.92 -30.60 -5.30
C TYR D 127 10.62 -29.33 -4.78
N GLY D 128 10.30 -28.95 -3.55
CA GLY D 128 10.88 -27.75 -2.99
C GLY D 128 9.96 -26.55 -2.90
N CYS D 129 8.65 -26.74 -3.07
CA CYS D 129 7.74 -25.60 -2.95
C CYS D 129 7.80 -24.97 -1.56
N TYR D 130 7.81 -23.65 -1.47
CA TYR D 130 7.83 -23.01 -0.16
C TYR D 130 6.39 -22.96 0.41
N LYS D 131 5.40 -23.06 -0.47
CA LYS D 131 4.02 -23.10 -0.05
C LYS D 131 3.18 -23.77 -1.11
N ILE D 132 1.99 -24.21 -0.70
CA ILE D 132 1.03 -24.82 -1.63
C ILE D 132 -0.29 -24.19 -1.34
N ILE D 133 -0.97 -23.76 -2.39
CA ILE D 133 -2.26 -23.13 -2.23
C ILE D 133 -3.31 -23.80 -3.09
N LEU D 134 -4.55 -23.54 -2.71
CA LEU D 134 -5.71 -24.00 -3.47
C LEU D 134 -6.89 -23.08 -3.15
N ASP D 135 -7.92 -23.19 -3.97
CA ASP D 135 -9.14 -22.42 -3.73
C ASP D 135 -10.29 -23.40 -3.53
N CYS D 136 -11.21 -23.03 -2.64
CA CYS D 136 -12.36 -23.90 -2.40
C CYS D 136 -13.60 -23.09 -2.00
N ASP D 137 -14.76 -23.74 -2.06
CA ASP D 137 -16.01 -23.08 -1.65
C ASP D 137 -15.98 -23.08 -0.14
N GLU D 138 -16.68 -22.12 0.45
CA GLU D 138 -16.73 -22.01 1.89
C GLU D 138 -17.17 -23.35 2.50
N LYS D 139 -18.02 -24.08 1.79
CA LYS D 139 -18.53 -25.37 2.29
C LYS D 139 -17.44 -26.44 2.43
N ASN D 140 -16.30 -26.23 1.78
CA ASN D 140 -15.20 -27.21 1.86
C ASN D 140 -14.05 -26.71 2.75
N VAL D 141 -14.18 -25.51 3.29
CA VAL D 141 -13.12 -24.98 4.12
C VAL D 141 -12.68 -25.90 5.27
N LYS D 142 -13.65 -26.48 5.98
CA LYS D 142 -13.34 -27.36 7.11
C LYS D 142 -12.62 -28.63 6.64
N PHE D 143 -13.01 -29.13 5.48
CA PHE D 143 -12.32 -30.29 4.92
C PHE D 143 -10.83 -29.90 4.75
N TYR D 144 -10.56 -28.77 4.12
CA TYR D 144 -9.16 -28.43 3.94
C TYR D 144 -8.41 -28.09 5.22
N GLU D 145 -9.15 -27.63 6.23
CA GLU D 145 -8.51 -27.34 7.51
C GLU D 145 -8.08 -28.69 8.17
N LYS D 146 -8.91 -29.72 8.00
CA LYS D 146 -8.58 -31.07 8.51
C LYS D 146 -7.33 -31.57 7.78
N CYS D 147 -7.09 -31.07 6.56
CA CYS D 147 -5.93 -31.47 5.79
C CYS D 147 -4.67 -30.65 6.11
N GLY D 148 -4.75 -29.76 7.10
CA GLY D 148 -3.60 -28.97 7.47
C GLY D 148 -3.48 -27.58 6.84
N PHE D 149 -4.47 -27.19 6.03
CA PHE D 149 -4.45 -25.88 5.38
C PHE D 149 -5.11 -24.84 6.27
N SER D 150 -4.80 -23.58 6.02
CA SER D 150 -5.40 -22.47 6.76
C SER D 150 -5.84 -21.40 5.78
N ASN D 151 -6.79 -20.57 6.19
CA ASN D 151 -7.30 -19.50 5.31
C ASN D 151 -6.21 -18.48 5.03
N ALA D 152 -6.04 -18.15 3.75
CA ALA D 152 -5.00 -17.23 3.35
C ALA D 152 -5.49 -16.03 2.56
N GLY D 153 -6.76 -16.05 2.18
CA GLY D 153 -7.30 -14.94 1.41
C GLY D 153 -8.58 -15.32 0.71
N VAL D 154 -8.88 -14.56 -0.32
CA VAL D 154 -10.09 -14.66 -1.11
C VAL D 154 -9.80 -15.03 -2.58
N GLU D 155 -10.53 -15.98 -3.15
CA GLU D 155 -10.36 -16.31 -4.57
C GLU D 155 -11.33 -15.41 -5.35
N MET D 156 -10.79 -14.73 -6.38
CA MET D 156 -11.59 -13.88 -7.24
C MET D 156 -11.54 -14.46 -8.67
N GLN D 157 -12.61 -14.30 -9.44
CA GLN D 157 -12.60 -14.81 -10.79
C GLN D 157 -13.34 -13.94 -11.84
N ILE D 158 -12.99 -14.15 -13.11
CA ILE D 158 -13.74 -13.58 -14.22
C ILE D 158 -13.88 -14.74 -15.21
N ARG D 159 -15.08 -14.89 -15.79
CA ARG D 159 -15.36 -15.95 -16.71
C ARG D 159 -15.56 -15.44 -18.13
N LYS D 160 -15.08 -16.19 -19.11
CA LYS D 160 -15.25 -15.77 -20.50
C LYS D 160 -16.72 -15.99 -20.91
N1A ACO E . -8.25 4.02 -3.44
C2A ACO E . -9.54 4.32 -3.46
N3A ACO E . -10.42 4.25 -2.45
C4A ACO E . -9.87 3.80 -1.27
C5A ACO E . -8.53 3.52 -1.14
C6A ACO E . -7.68 3.60 -2.30
N6A ACO E . -6.38 3.29 -2.27
N7A ACO E . -8.27 3.10 0.18
C8A ACO E . -9.43 3.19 0.76
N9A ACO E . -10.46 3.61 -0.05
C1B ACO E . -11.83 3.80 0.24
C2B ACO E . -12.50 2.54 0.80
O2B ACO E . -12.97 1.64 -0.23
C3B ACO E . -13.61 3.13 1.65
O3B ACO E . -14.69 3.48 0.79
P3B ACO E . -16.22 3.48 1.28
O7A ACO E . -16.53 2.13 1.70
O8A ACO E . -16.93 3.91 0.05
O9A ACO E . -16.27 4.47 2.46
C4B ACO E . -12.99 4.40 2.25
O4B ACO E . -12.00 4.76 1.27
C5B ACO E . -12.40 4.12 3.63
O5B ACO E . -11.47 3.06 3.54
P1A ACO E . -10.84 2.42 4.88
O1A ACO E . -11.17 0.96 4.85
O2A ACO E . -11.23 3.18 6.04
O3A ACO E . -9.27 2.56 4.52
P2A ACO E . -8.03 2.09 5.34
O4A ACO E . -7.34 1.19 4.50
O5A ACO E . -8.52 1.63 6.71
O6A ACO E . -7.15 3.40 5.56
CBP ACO E . -5.07 4.31 4.72
CCP ACO E . -6.52 4.11 4.43
CDP ACO E . -4.47 5.02 3.50
CEP ACO E . -4.90 5.22 5.95
CAP ACO E . -4.39 2.94 4.97
OAP ACO E . -4.59 2.05 3.88
C9P ACO E . -2.89 3.05 5.25
O9P ACO E . -2.45 3.18 6.42
N8P ACO E . -2.06 3.01 4.22
C7P ACO E . -0.61 3.09 4.32
C6P ACO E . -0.05 4.34 5.02
C5P ACO E . -0.60 5.60 4.43
O5P ACO E . -0.54 5.80 3.20
N4P ACO E . -1.18 6.49 5.19
C3P ACO E . -1.77 7.82 4.89
C2P ACO E . -0.59 8.83 4.99
S1P ACO E . -1.36 10.52 4.64
C ACO E . -1.21 11.20 5.99
O ACO E . -0.56 10.80 7.06
CH3 ACO E . -1.77 12.68 6.42
N1 IMD F . 1.45 23.71 11.90
C2 IMD F . 1.32 22.97 12.96
N3 IMD F . 1.51 21.68 12.89
C4 IMD F . 1.83 21.50 11.56
C5 IMD F . 1.79 22.74 10.92
N1A ACO G . -9.67 0.33 -1.69
C2A ACO G . -10.71 0.56 -2.46
N3A ACO G . -10.69 0.83 -3.78
C4A ACO G . -9.42 0.83 -4.30
C5A ACO G . -8.30 0.58 -3.57
C6A ACO G . -8.45 0.31 -2.16
N6A ACO G . -7.41 0.08 -1.36
N7A ACO G . -7.17 0.66 -4.40
C8A ACO G . -7.66 0.96 -5.57
N9A ACO G . -9.03 1.11 -5.59
C1B ACO G . -9.88 1.44 -6.68
C2B ACO G . -9.59 2.82 -7.29
O2B ACO G . -10.27 3.84 -6.52
C3B ACO G . -10.03 2.65 -8.75
O3B ACO G . -11.45 2.77 -8.81
P3B ACO G . -12.22 4.05 -9.38
O7A ACO G . -11.76 5.15 -8.47
O8A ACO G . -13.64 3.77 -9.23
O9A ACO G . -11.76 4.22 -10.79
C4B ACO G . -9.65 1.23 -9.07
O4B ACO G . -9.66 0.57 -7.77
C5B ACO G . -8.30 1.07 -9.73
O5B ACO G . -7.32 1.75 -8.94
P1A ACO G . -5.79 1.84 -9.39
O1A ACO G . -5.39 3.26 -9.27
O2A ACO G . -5.59 1.10 -10.69
O3A ACO G . -5.11 1.08 -8.09
P2A ACO G . -3.59 0.86 -7.83
O4A ACO G . -3.35 1.41 -6.48
O5A ACO G . -2.84 1.36 -9.01
O6A ACO G . -3.40 -0.67 -7.78
CBP ACO G . -2.93 -2.39 -6.12
CCP ACO G . -3.98 -1.47 -6.68
CDP ACO G . -3.58 -3.17 -4.93
CEP ACO G . -2.44 -3.36 -7.20
CAP ACO G . -1.76 -1.51 -5.59
OAP ACO G . -2.23 -0.55 -4.67
C9P ACO G . -0.61 -2.31 -4.96
O9P ACO G . 0.29 -2.80 -5.62
N8P ACO G . -0.68 -2.49 -3.61
C7P ACO G . 0.32 -3.23 -2.81
C6P ACO G . 0.61 -4.65 -3.32
C5P ACO G . -0.64 -5.47 -3.45
O5P ACO G . -1.47 -5.54 -2.51
N4P ACO G . -0.87 -6.13 -4.57
C3P ACO G . -1.96 -7.00 -5.02
C2P ACO G . -1.63 -8.40 -4.49
S1P ACO G . -3.02 -9.51 -5.05
C ACO G . -2.35 -10.30 -6.17
O ACO G . -1.08 -10.34 -6.51
CH3 ACO G . -3.01 -11.41 -7.19
N1 IMD H . -11.42 -7.80 -20.21
C2 IMD H . -12.30 -7.94 -19.25
N3 IMD H . -12.06 -7.47 -18.06
C4 IMD H . -10.81 -6.92 -18.21
C5 IMD H . -10.39 -7.10 -19.54
N1A ACO I . 5.37 31.60 -10.42
C2A ACO I . 6.56 31.45 -10.96
N3A ACO I . 7.71 32.06 -10.61
C4A ACO I . 7.58 32.96 -9.54
C5A ACO I . 6.36 33.18 -8.93
C6A ACO I . 5.21 32.47 -9.38
N6A ACO I . 4.01 32.64 -8.82
N7A ACO I . 6.53 34.12 -7.93
C8A ACO I . 7.80 34.41 -7.97
N9A ACO I . 8.49 33.72 -8.93
C1B ACO I . 9.89 33.76 -9.23
C2B ACO I . 10.49 35.10 -9.57
O2B ACO I . 10.32 35.36 -10.99
C3B ACO I . 11.94 34.96 -9.18
O3B ACO I . 12.63 34.30 -10.26
P3B ACO I . 14.13 34.76 -10.68
O7A ACO I . 13.97 36.19 -11.05
O8A ACO I . 14.47 33.84 -11.83
O9A ACO I . 14.95 34.50 -9.44
C4B ACO I . 11.92 34.05 -7.92
O4B ACO I . 10.69 33.32 -8.09
C5B ACO I . 11.95 34.87 -6.60
O5B ACO I . 10.80 35.70 -6.53
P1A ACO I . 10.55 36.75 -5.41
O1A ACO I . 10.82 38.09 -6.07
O2A ACO I . 11.34 36.38 -4.21
O3A ACO I . 8.95 36.69 -5.22
P2A ACO I . 8.04 37.54 -4.23
O4A ACO I . 7.06 38.21 -5.04
O5A ACO I . 8.86 38.40 -3.36
O6A ACO I . 7.34 36.41 -3.29
CBP ACO I . 5.15 35.38 -3.07
CCP ACO I . 6.47 35.41 -3.85
CDP ACO I . 4.25 34.34 -3.75
CEP ACO I . 5.39 34.97 -1.58
CAP ACO I . 4.50 36.79 -3.12
OAP ACO I . 4.34 37.25 -4.48
C9P ACO I . 3.16 36.86 -2.38
O9P ACO I . 3.12 37.18 -1.15
N8P ACO I . 2.06 36.59 -3.08
C7P ACO I . 0.70 36.64 -2.51
C6P ACO I . 0.51 35.74 -1.27
C5P ACO I . 0.95 34.31 -1.51
O5P ACO I . 0.64 33.72 -2.55
N4P ACO I . 1.71 33.67 -0.59
C3P ACO I . 2.32 32.35 -0.44
C2P ACO I . 1.20 31.43 0.04
S1P ACO I . 2.02 29.77 0.16
C ACO I . 2.40 29.66 1.63
O ACO I . 2.15 30.43 2.62
CH3 ACO I . 3.23 28.46 2.42
N1A ACO J . -17.40 -29.83 5.60
C2A ACO J . -16.79 -30.14 6.74
N3A ACO J . -15.98 -31.19 6.98
C4A ACO J . -15.78 -32.03 5.86
C5A ACO J . -16.38 -31.78 4.64
C6A ACO J . -17.22 -30.61 4.50
N6A ACO J . -17.83 -30.28 3.35
N7A ACO J . -16.00 -32.76 3.73
C8A ACO J . -15.21 -33.56 4.43
N9A ACO J . -15.03 -33.16 5.74
C1B ACO J . -14.22 -33.76 6.79
C2B ACO J . -14.64 -35.15 7.28
O2B ACO J . -15.62 -35.03 8.32
C3B ACO J . -13.37 -35.78 7.80
O3B ACO J . -13.17 -35.43 9.20
P3B ACO J . -12.43 -36.45 10.23
O7A ACO J . -13.30 -37.68 10.22
O8A ACO J . -12.41 -35.74 11.54
O9A ACO J . -11.07 -36.66 9.65
C4B ACO J . -12.27 -35.18 6.90
O4B ACO J . -12.86 -33.97 6.44
C5B ACO J . -11.88 -36.12 5.73
O5B ACO J . -12.93 -36.17 4.76
P1A ACO J . -12.85 -37.11 3.49
O1A ACO J . -13.71 -38.32 3.81
O2A ACO J . -11.43 -37.33 3.20
O3A ACO J . -13.70 -36.26 2.39
P2A ACO J . -14.02 -36.67 0.91
O4A ACO J . -15.45 -36.70 0.77
O5A ACO J . -13.31 -37.92 0.60
O6A ACO J . -13.39 -35.46 -0.01
CBP ACO J . -14.20 -33.59 -1.34
CCP ACO J . -13.90 -34.11 0.07
CDP ACO J . -14.78 -32.19 -1.18
CEP ACO J . -12.88 -33.54 -2.16
CAP ACO J . -15.22 -34.60 -1.99
OAP ACO J . -16.39 -34.82 -1.18
C9P ACO J . -15.65 -34.17 -3.42
O9P ACO J . -14.99 -34.52 -4.39
N8P ACO J . -16.76 -33.44 -3.54
C7P ACO J . -17.35 -32.96 -4.80
C6P ACO J . -16.38 -32.12 -5.67
C5P ACO J . -15.71 -30.98 -4.90
O5P ACO J . -16.40 -30.18 -4.25
N4P ACO J . -14.37 -30.90 -4.91
C3P ACO J . -13.29 -30.07 -4.40
C2P ACO J . -13.34 -28.80 -5.24
S1P ACO J . -11.95 -27.79 -4.51
C ACO J . -10.76 -28.04 -5.40
O ACO J . -10.63 -28.69 -6.46
CH3 ACO J . -9.18 -27.49 -5.32
#